data_9F6A
#
_entry.id   9F6A
#
_cell.length_a   1.00
_cell.length_b   1.00
_cell.length_c   1.00
_cell.angle_alpha   90.00
_cell.angle_beta   90.00
_cell.angle_gamma   90.00
#
_symmetry.space_group_name_H-M   'P 1'
#
loop_
_entity.id
_entity.type
_entity.pdbx_description
1 polymer VP0
2 polymer VP3
3 polymer VP1
4 non-polymer SPHINGOSINE
#
loop_
_entity_poly.entity_id
_entity_poly.type
_entity_poly.pdbx_seq_one_letter_code
_entity_poly.pdbx_strand_id
1 'polypeptide(L)'
;MGSQVSTQRSGSHENSNSATEGSTINYTTINYYKDSYAATAGKQSLKQDPDKFANPVKDVFTEMAAPLKSPSAEACGYSD
RVAQLTIGNSTITTQAAANIIVGYGEWPSYCSDDDATAVDKPTRPDVSVNRFYTLDTKLWEKSSKGWYWKFPDVLTETGV
FGQNAQFHYLYRSGFCIHVQCNASKFHQGALLVAILPEYVIGTVAGGTGTEDSHPPYIQTQPGADGFELQHPYVLDAGIP
ISQLTVCPHQWINLRTNNCATIIVPYMNTLPFDSALNHCNFGLLVVPISPLDFDQGATPVIPITITLAPMCSEFAGLRQA
VTQ
;
A
2 'polypeptide(L)'
;GFPTELKPGTNQFLTTDDGVSAPILPNFHPTPCIHIPGEVRNLLELCQVETILEVNNVPTNATSLMERLRFPVSAQAGKG
ELCAVFRADPGRDGPWQSTMLGQLCGYYTQWSGSLEVTFMFTGSFMATGKMLIAYTPPGGPLPKDRATAMLGTHVIWDFG
LQSSVTLVIPWISNTHYRAHARDGVFDYYTTGLVSIWYQTNYVVPIGAPNTAYIIALAAAQKNFTMKLCKDTSHILQTAS
IQ
;
B
3 'polypeptide(L)'
;GDRVADMIESSIGNSVSRALTQALPAPTGQNTQVSSHRLDTGEVPALQAAEIGASSNTSDESMIETRCVLNSHSTAETTL
DSFFSRAGLVGEIDLPLEGTTNPNGYANWDIDITGYAQMRRKVELFTYMRFDAEFTFVACTPTGQVVPQLLQYMFVPPGA
PKPESRESLAWQTATNPSVFVKLTDPPAQVSVPFMSPASAYQWFYDGYPTFGEHKQEKDLEYGACPNNMMGTFSVRTVGS
SKSKYALVVRIYMRMKHVRAWIPRPMRNQNYLFKANPNYAGDSIKPTGTSRNAITTL
;
C
#
loop_
_chem_comp.id
_chem_comp.type
_chem_comp.name
_chem_comp.formula
SPH non-polymer SPHINGOSINE 'C18 H37 N O2'
#
# COMPACT_ATOMS: atom_id res chain seq x y z
N SER A 12 -9.48 -22.33 27.83
CA SER A 12 -10.64 -23.17 28.09
C SER A 12 -11.76 -22.35 28.74
N HIS A 13 -11.37 -21.33 29.50
CA HIS A 13 -12.31 -20.45 30.16
C HIS A 13 -12.67 -19.23 29.33
N GLU A 14 -12.10 -19.08 28.15
CA GLU A 14 -12.33 -17.91 27.31
C GLU A 14 -12.66 -18.36 25.89
N ASN A 15 -13.46 -17.54 25.21
CA ASN A 15 -13.77 -17.78 23.81
C ASN A 15 -12.53 -17.52 22.96
N SER A 16 -12.29 -18.39 21.98
CA SER A 16 -11.18 -18.21 21.05
C SER A 16 -11.64 -17.37 19.87
N ASN A 17 -11.89 -16.10 20.15
CA ASN A 17 -12.55 -15.22 19.20
C ASN A 17 -11.81 -13.91 19.03
N SER A 18 -10.48 -13.96 18.99
CA SER A 18 -9.71 -12.79 18.61
C SER A 18 -9.49 -12.79 17.10
N ALA A 19 -8.92 -11.70 16.59
CA ALA A 19 -8.70 -11.57 15.16
C ALA A 19 -7.49 -12.34 14.68
N THR A 20 -6.70 -12.94 15.57
CA THR A 20 -5.53 -13.70 15.20
C THR A 20 -5.68 -15.19 15.42
N GLU A 21 -6.90 -15.67 15.70
CA GLU A 21 -7.13 -17.10 15.82
C GLU A 21 -7.01 -17.76 14.46
N GLY A 22 -6.41 -18.95 14.44
CA GLY A 22 -6.15 -19.66 13.22
C GLY A 22 -4.84 -19.30 12.54
N SER A 23 -4.15 -18.27 13.01
CA SER A 23 -2.86 -17.90 12.48
C SER A 23 -1.78 -18.83 13.01
N THR A 24 -0.60 -18.75 12.40
CA THR A 24 0.51 -19.64 12.73
C THR A 24 1.40 -19.11 13.85
N ILE A 25 1.07 -17.95 14.43
CA ILE A 25 1.90 -17.31 15.45
C ILE A 25 1.16 -17.38 16.78
N ASN A 26 1.86 -17.85 17.81
CA ASN A 26 1.32 -17.81 19.16
C ASN A 26 1.53 -16.42 19.75
N TYR A 27 0.45 -15.84 20.26
CA TYR A 27 0.50 -14.53 20.89
C TYR A 27 0.33 -14.71 22.39
N THR A 28 1.37 -14.39 23.16
CA THR A 28 1.22 -14.32 24.60
C THR A 28 0.52 -13.01 24.95
N THR A 29 -0.51 -13.11 25.80
CA THR A 29 -1.41 -11.99 26.03
C THR A 29 -1.86 -11.99 27.47
N ILE A 30 -2.60 -10.94 27.84
CA ILE A 30 -3.23 -10.82 29.14
C ILE A 30 -4.71 -10.58 28.91
N ASN A 31 -5.56 -11.37 29.54
CA ASN A 31 -7.01 -11.25 29.37
C ASN A 31 -7.68 -11.53 30.70
N TYR A 32 -8.47 -10.56 31.18
CA TYR A 32 -9.31 -10.74 32.35
C TYR A 32 -10.77 -10.94 31.99
N TYR A 33 -11.07 -11.22 30.73
CA TYR A 33 -12.44 -11.28 30.25
C TYR A 33 -12.69 -12.59 29.52
N LYS A 34 -13.96 -12.78 29.14
CA LYS A 34 -14.43 -14.00 28.52
C LYS A 34 -14.01 -14.15 27.06
N ASP A 35 -13.66 -13.04 26.40
CA ASP A 35 -13.38 -13.04 24.97
C ASP A 35 -11.91 -12.81 24.70
N SER A 36 -11.36 -13.55 23.74
CA SER A 36 -9.95 -13.39 23.39
C SER A 36 -9.67 -12.05 22.74
N TYR A 37 -10.66 -11.47 22.06
CA TYR A 37 -10.43 -10.18 21.43
C TYR A 37 -10.36 -9.04 22.45
N ALA A 38 -10.77 -9.28 23.69
CA ALA A 38 -10.62 -8.30 24.75
C ALA A 38 -9.20 -8.24 25.29
N ALA A 39 -8.35 -9.20 24.95
CA ALA A 39 -7.02 -9.30 25.50
C ALA A 39 -6.12 -8.18 24.97
N THR A 40 -4.92 -8.11 25.52
CA THR A 40 -3.93 -7.14 25.09
C THR A 40 -3.43 -7.47 23.68
N ALA A 41 -2.72 -6.52 23.09
CA ALA A 41 -2.03 -6.80 21.82
C ALA A 41 -0.97 -7.87 22.01
N GLY A 42 -0.22 -7.80 23.11
CA GLY A 42 0.72 -8.84 23.47
C GLY A 42 1.96 -8.86 22.59
N LYS A 43 2.66 -9.99 22.67
CA LYS A 43 3.87 -10.23 21.91
C LYS A 43 3.63 -11.31 20.86
N GLN A 44 4.57 -11.43 19.93
CA GLN A 44 4.56 -12.51 18.95
C GLN A 44 5.39 -13.70 19.45
N SER A 45 5.10 -14.13 20.67
CA SER A 45 5.87 -15.17 21.38
C SER A 45 7.36 -14.84 21.43
N ALA A 65 12.03 -15.30 -2.90
CA ALA A 65 12.32 -15.33 -1.48
C ALA A 65 11.20 -14.65 -0.70
N ALA A 66 11.39 -13.35 -0.42
CA ALA A 66 10.36 -12.59 0.26
C ALA A 66 9.16 -12.40 -0.66
N PRO A 67 7.94 -12.73 -0.20
CA PRO A 67 6.76 -12.59 -1.07
C PRO A 67 6.50 -11.17 -1.55
N LEU A 68 6.83 -10.16 -0.75
CA LEU A 68 6.53 -8.78 -1.11
C LEU A 68 7.55 -8.17 -2.06
N LYS A 69 8.66 -8.85 -2.31
CA LYS A 69 9.71 -8.33 -3.18
C LYS A 69 9.57 -8.78 -4.63
N SER A 70 8.34 -9.15 -5.05
CA SER A 70 8.04 -9.70 -6.37
C SER A 70 8.95 -10.89 -6.66
N PRO A 71 8.72 -12.03 -6.02
CA PRO A 71 9.61 -13.18 -6.22
C PRO A 71 9.44 -13.78 -7.60
N SER A 72 10.56 -14.29 -8.13
CA SER A 72 10.54 -14.93 -9.44
C SER A 72 10.08 -16.38 -9.31
N ALA A 73 9.92 -17.03 -10.46
CA ALA A 73 9.56 -18.45 -10.46
C ALA A 73 10.69 -19.30 -9.91
N GLU A 74 11.94 -18.91 -10.20
CA GLU A 74 13.08 -19.57 -9.56
C GLU A 74 13.08 -19.34 -8.05
N ALA A 75 12.76 -18.11 -7.63
CA ALA A 75 12.73 -17.79 -6.21
C ALA A 75 11.56 -18.44 -5.50
N CYS A 76 10.45 -18.67 -6.21
CA CYS A 76 9.29 -19.31 -5.62
C CYS A 76 9.36 -20.83 -5.64
N GLY A 77 10.36 -21.40 -6.31
CA GLY A 77 10.43 -22.85 -6.45
C GLY A 77 9.38 -23.42 -7.37
N TYR A 78 8.90 -22.63 -8.33
CA TYR A 78 7.85 -23.05 -9.25
C TYR A 78 8.37 -23.07 -10.69
N SER A 79 9.59 -23.56 -10.88
CA SER A 79 10.14 -23.68 -12.23
C SER A 79 9.49 -24.81 -13.01
N ASP A 80 8.85 -25.77 -12.33
CA ASP A 80 8.21 -26.89 -13.03
C ASP A 80 6.93 -26.44 -13.74
N ARG A 81 6.26 -25.42 -13.21
CA ARG A 81 5.02 -24.92 -13.79
C ARG A 81 5.24 -23.78 -14.78
N VAL A 82 6.48 -23.42 -15.06
CA VAL A 82 6.76 -22.23 -15.86
C VAL A 82 7.76 -22.56 -16.96
N ALA A 83 8.11 -23.85 -17.10
CA ALA A 83 9.13 -24.27 -18.07
C ALA A 83 8.72 -23.91 -19.49
N GLN A 84 7.45 -24.11 -19.84
CA GLN A 84 6.86 -23.53 -21.03
C GLN A 84 5.44 -23.13 -20.69
N LEU A 85 5.14 -21.84 -20.82
CA LEU A 85 3.86 -21.30 -20.36
C LEU A 85 2.81 -21.57 -21.43
N THR A 86 2.12 -22.71 -21.29
CA THR A 86 0.98 -23.06 -22.13
C THR A 86 -0.22 -23.23 -21.20
N ILE A 87 -1.15 -22.28 -21.28
CA ILE A 87 -2.36 -22.31 -20.47
C ILE A 87 -3.55 -22.42 -21.40
N GLY A 88 -4.30 -23.51 -21.27
CA GLY A 88 -5.40 -23.76 -22.19
C GLY A 88 -4.87 -24.10 -23.57
N ASN A 89 -5.54 -23.60 -24.60
CA ASN A 89 -5.08 -23.75 -25.97
C ASN A 89 -4.20 -22.59 -26.42
N SER A 90 -3.52 -21.93 -25.48
CA SER A 90 -2.72 -20.75 -25.78
C SER A 90 -1.32 -20.94 -25.25
N THR A 91 -0.33 -20.52 -26.03
CA THR A 91 1.07 -20.58 -25.65
C THR A 91 1.71 -19.23 -25.88
N ILE A 92 2.38 -18.70 -24.86
CA ILE A 92 3.23 -17.52 -24.99
C ILE A 92 4.68 -17.99 -24.95
N THR A 93 5.50 -17.43 -25.84
CA THR A 93 6.92 -17.75 -25.91
C THR A 93 7.67 -16.59 -25.27
N THR A 94 8.27 -16.83 -24.12
CA THR A 94 8.96 -15.80 -23.37
C THR A 94 10.04 -16.44 -22.52
N GLN A 95 10.99 -15.60 -22.07
CA GLN A 95 12.02 -16.06 -21.16
C GLN A 95 11.39 -16.44 -19.83
N ALA A 96 11.71 -17.65 -19.34
CA ALA A 96 11.00 -18.21 -18.21
C ALA A 96 11.80 -18.09 -16.93
N ALA A 97 11.17 -18.47 -15.82
CA ALA A 97 11.82 -18.72 -14.54
C ALA A 97 12.43 -17.49 -13.91
N ALA A 98 13.56 -17.03 -14.46
CA ALA A 98 14.34 -15.98 -13.80
C ALA A 98 13.61 -14.64 -13.81
N ASN A 99 13.07 -14.25 -14.96
CA ASN A 99 12.45 -12.93 -15.12
C ASN A 99 10.93 -13.02 -15.14
N ILE A 100 10.36 -14.09 -14.58
CA ILE A 100 8.93 -14.30 -14.54
C ILE A 100 8.48 -14.27 -13.08
N ILE A 101 7.51 -13.41 -12.78
CA ILE A 101 7.18 -13.03 -11.41
C ILE A 101 5.89 -13.71 -10.98
N VAL A 102 5.93 -14.36 -9.82
CA VAL A 102 4.74 -14.88 -9.17
C VAL A 102 4.28 -13.87 -8.13
N GLY A 103 3.01 -13.45 -8.22
CA GLY A 103 2.50 -12.39 -7.38
C GLY A 103 2.45 -12.82 -5.93
N TYR A 104 3.15 -12.08 -5.06
CA TYR A 104 3.13 -12.27 -3.61
C TYR A 104 3.62 -13.66 -3.20
N GLY A 105 4.44 -14.29 -4.04
CA GLY A 105 4.95 -15.60 -3.75
C GLY A 105 3.91 -16.69 -3.71
N GLU A 106 2.73 -16.42 -4.26
CA GLU A 106 1.59 -17.34 -4.17
C GLU A 106 1.14 -17.70 -5.57
N TRP A 107 1.20 -18.99 -5.89
CA TRP A 107 0.58 -19.47 -7.12
C TRP A 107 -0.94 -19.45 -6.97
N PRO A 108 -1.67 -19.17 -8.05
CA PRO A 108 -3.13 -19.28 -7.98
C PRO A 108 -3.55 -20.73 -7.72
N SER A 109 -4.62 -20.87 -6.93
CA SER A 109 -5.09 -22.18 -6.54
C SER A 109 -6.59 -22.13 -6.37
N TYR A 110 -7.21 -23.30 -6.45
CA TYR A 110 -8.64 -23.40 -6.20
C TYR A 110 -8.92 -23.15 -4.73
N CYS A 111 -10.11 -22.63 -4.45
CA CYS A 111 -10.48 -22.32 -3.07
C CYS A 111 -10.63 -23.60 -2.26
N SER A 112 -10.04 -23.60 -1.07
CA SER A 112 -10.15 -24.75 -0.18
C SER A 112 -11.52 -24.78 0.48
N ASP A 113 -11.81 -25.91 1.14
CA ASP A 113 -13.08 -26.07 1.83
C ASP A 113 -13.20 -25.12 3.01
N ASP A 114 -12.07 -24.84 3.68
CA ASP A 114 -12.09 -23.96 4.84
C ASP A 114 -12.34 -22.51 4.42
N ASP A 115 -11.72 -22.07 3.34
CA ASP A 115 -11.88 -20.68 2.91
C ASP A 115 -13.24 -20.46 2.27
N ALA A 116 -13.73 -21.43 1.51
CA ALA A 116 -14.99 -21.26 0.79
C ALA A 116 -16.18 -21.28 1.74
N THR A 117 -17.14 -20.41 1.47
CA THR A 117 -18.39 -20.38 2.22
C THR A 117 -19.60 -20.79 1.40
N ALA A 118 -19.57 -20.58 0.09
CA ALA A 118 -20.70 -20.95 -0.76
C ALA A 118 -20.85 -22.46 -0.80
N VAL A 119 -22.07 -22.94 -0.58
CA VAL A 119 -22.29 -24.38 -0.45
C VAL A 119 -22.43 -25.08 -1.79
N ASP A 120 -22.82 -24.36 -2.85
CA ASP A 120 -22.92 -24.98 -4.16
C ASP A 120 -21.53 -25.23 -4.72
N LYS A 121 -21.38 -26.33 -5.46
CA LYS A 121 -20.08 -26.63 -6.02
C LYS A 121 -19.84 -25.79 -7.26
N PRO A 122 -18.73 -25.05 -7.32
CA PRO A 122 -18.48 -24.19 -8.47
C PRO A 122 -18.04 -24.97 -9.70
N THR A 123 -18.22 -24.36 -10.86
CA THR A 123 -17.74 -24.94 -12.10
C THR A 123 -16.30 -24.51 -12.36
N ARG A 124 -15.50 -25.44 -12.86
CA ARG A 124 -14.08 -25.20 -13.13
C ARG A 124 -13.82 -25.61 -14.57
N PRO A 125 -14.10 -24.72 -15.54
CA PRO A 125 -13.87 -25.08 -16.95
C PRO A 125 -12.42 -25.38 -17.28
N ASP A 126 -11.50 -24.48 -16.91
CA ASP A 126 -10.05 -24.72 -16.80
C ASP A 126 -9.34 -24.85 -18.14
N VAL A 127 -10.07 -24.98 -19.24
CA VAL A 127 -9.42 -24.98 -20.54
C VAL A 127 -10.11 -24.00 -21.48
N SER A 128 -11.38 -23.72 -21.23
CA SER A 128 -12.10 -22.73 -22.00
C SER A 128 -12.00 -21.34 -21.39
N VAL A 129 -11.80 -21.27 -20.08
CA VAL A 129 -11.68 -19.99 -19.39
C VAL A 129 -10.26 -19.74 -18.88
N ASN A 130 -9.46 -20.79 -18.67
CA ASN A 130 -8.08 -20.65 -18.22
C ASN A 130 -7.19 -20.73 -19.44
N ARG A 131 -6.96 -19.59 -20.07
CA ARG A 131 -6.20 -19.49 -21.30
C ARG A 131 -5.84 -18.03 -21.52
N PHE A 132 -4.83 -17.80 -22.35
CA PHE A 132 -4.35 -16.44 -22.59
C PHE A 132 -5.30 -15.71 -23.53
N TYR A 133 -5.83 -14.58 -23.07
CA TYR A 133 -6.65 -13.70 -23.88
C TYR A 133 -5.84 -12.46 -24.21
N THR A 134 -5.85 -12.06 -25.48
CA THR A 134 -5.12 -10.88 -25.93
C THR A 134 -6.09 -9.72 -26.03
N LEU A 135 -5.87 -8.69 -25.21
CA LEU A 135 -6.87 -7.64 -25.04
C LEU A 135 -6.81 -6.62 -26.17
N ASP A 136 -5.71 -5.88 -26.25
CA ASP A 136 -5.58 -4.76 -27.16
C ASP A 136 -4.10 -4.46 -27.33
N THR A 137 -3.82 -3.42 -28.10
CA THR A 137 -2.48 -3.12 -28.59
C THR A 137 -2.18 -1.62 -28.44
N LYS A 138 -2.38 -1.11 -27.21
CA LYS A 138 -2.17 0.30 -26.89
C LYS A 138 -0.77 0.77 -27.32
N LEU A 139 -0.74 1.91 -27.99
CA LEU A 139 0.49 2.43 -28.58
C LEU A 139 1.27 3.25 -27.56
N TRP A 140 2.55 2.92 -27.42
CA TRP A 140 3.45 3.64 -26.52
C TRP A 140 4.07 4.80 -27.29
N GLU A 141 3.90 6.01 -26.78
CA GLU A 141 4.47 7.21 -27.37
C GLU A 141 5.54 7.79 -26.46
N LYS A 142 6.27 8.78 -26.99
CA LYS A 142 7.27 9.46 -26.18
C LYS A 142 6.63 10.29 -25.07
N SER A 143 5.42 10.81 -25.31
CA SER A 143 4.69 11.59 -24.34
C SER A 143 3.60 10.79 -23.65
N SER A 144 3.64 9.46 -23.77
CA SER A 144 2.61 8.61 -23.18
C SER A 144 2.68 8.65 -21.66
N LYS A 145 1.51 8.61 -21.03
CA LYS A 145 1.38 8.69 -19.58
C LYS A 145 1.24 7.33 -18.92
N GLY A 146 0.53 6.40 -19.55
CA GLY A 146 0.33 5.09 -18.98
C GLY A 146 -1.14 4.70 -18.93
N TRP A 147 -1.40 3.39 -18.78
CA TRP A 147 -2.75 2.87 -18.79
C TRP A 147 -2.94 1.89 -17.66
N TYR A 148 -4.19 1.67 -17.27
CA TYR A 148 -4.51 0.65 -16.29
C TYR A 148 -5.65 -0.23 -16.80
N TRP A 149 -5.59 -1.50 -16.43
CA TRP A 149 -6.61 -2.48 -16.77
C TRP A 149 -7.12 -3.11 -15.47
N LYS A 150 -8.43 -3.15 -15.32
CA LYS A 150 -9.05 -3.69 -14.12
C LYS A 150 -9.51 -5.12 -14.34
N PHE A 151 -9.25 -5.98 -13.37
CA PHE A 151 -9.43 -7.42 -13.53
C PHE A 151 -10.46 -7.93 -12.54
N PRO A 152 -11.40 -8.79 -12.97
CA PRO A 152 -11.55 -9.38 -14.30
C PRO A 152 -12.50 -8.58 -15.18
N ASP A 153 -12.57 -7.26 -14.95
CA ASP A 153 -13.43 -6.41 -15.78
C ASP A 153 -12.96 -6.40 -17.23
N VAL A 154 -11.66 -6.62 -17.46
CA VAL A 154 -11.12 -6.71 -18.81
C VAL A 154 -11.69 -7.91 -19.55
N LEU A 155 -11.94 -9.01 -18.83
CA LEU A 155 -12.43 -10.25 -19.41
C LEU A 155 -13.90 -10.48 -19.14
N THR A 156 -14.65 -9.41 -18.88
CA THR A 156 -16.05 -9.55 -18.49
C THR A 156 -16.93 -9.93 -19.68
N GLU A 157 -16.67 -9.36 -20.85
CA GLU A 157 -17.56 -9.50 -22.00
C GLU A 157 -16.87 -10.12 -23.20
N THR A 158 -15.94 -11.04 -22.96
CA THR A 158 -15.36 -11.80 -24.06
C THR A 158 -14.92 -13.17 -23.56
N GLY A 159 -15.08 -14.17 -24.42
CA GLY A 159 -14.63 -15.52 -24.12
C GLY A 159 -15.61 -16.30 -23.25
N VAL A 160 -15.29 -17.59 -23.09
CA VAL A 160 -16.04 -18.44 -22.17
C VAL A 160 -15.86 -17.95 -20.74
N PHE A 161 -14.69 -17.38 -20.44
CA PHE A 161 -14.52 -16.72 -19.13
C PHE A 161 -15.50 -15.58 -18.97
N GLY A 162 -15.70 -14.77 -20.02
CA GLY A 162 -16.67 -13.70 -19.95
C GLY A 162 -18.08 -14.21 -19.77
N GLN A 163 -18.44 -15.28 -20.49
CA GLN A 163 -19.77 -15.85 -20.35
C GLN A 163 -19.98 -16.43 -18.95
N ASN A 164 -18.97 -17.09 -18.39
CA ASN A 164 -19.08 -17.64 -17.04
C ASN A 164 -19.15 -16.54 -16.00
N ALA A 165 -18.41 -15.45 -16.19
CA ALA A 165 -18.48 -14.32 -15.26
C ALA A 165 -19.84 -13.64 -15.32
N GLN A 166 -20.42 -13.52 -16.52
CA GLN A 166 -21.75 -12.94 -16.64
C GLN A 166 -22.83 -13.85 -16.10
N PHE A 167 -22.65 -15.16 -16.23
CA PHE A 167 -23.70 -16.11 -15.86
C PHE A 167 -23.68 -16.46 -14.38
N HIS A 168 -22.52 -16.38 -13.74
CA HIS A 168 -22.37 -16.78 -12.34
C HIS A 168 -22.21 -15.55 -11.46
N TYR A 169 -22.86 -15.58 -10.30
CA TYR A 169 -22.69 -14.52 -9.32
C TYR A 169 -21.28 -14.52 -8.75
N LEU A 170 -20.80 -15.68 -8.33
CA LEU A 170 -19.52 -15.80 -7.66
C LEU A 170 -18.42 -16.14 -8.67
N TYR A 171 -17.26 -15.52 -8.47
CA TYR A 171 -16.12 -15.72 -9.33
C TYR A 171 -14.86 -15.77 -8.47
N ARG A 172 -13.95 -16.68 -8.81
CA ARG A 172 -12.64 -16.72 -8.18
C ARG A 172 -11.63 -17.26 -9.18
N SER A 173 -10.58 -16.50 -9.44
CA SER A 173 -9.51 -16.96 -10.32
C SER A 173 -8.25 -16.17 -10.05
N GLY A 174 -7.12 -16.82 -10.31
CA GLY A 174 -5.86 -16.12 -10.45
C GLY A 174 -5.73 -15.58 -11.86
N PHE A 175 -4.55 -15.04 -12.15
CA PHE A 175 -4.31 -14.45 -13.45
C PHE A 175 -2.83 -14.58 -13.80
N CYS A 176 -2.55 -14.76 -15.08
CA CYS A 176 -1.19 -14.77 -15.60
C CYS A 176 -1.11 -13.66 -16.65
N ILE A 177 -0.78 -12.46 -16.18
CA ILE A 177 -0.69 -11.30 -17.08
C ILE A 177 0.66 -11.30 -17.77
N HIS A 178 0.64 -11.25 -19.09
CA HIS A 178 1.85 -11.25 -19.92
C HIS A 178 1.81 -9.99 -20.78
N VAL A 179 2.29 -8.89 -20.23
CA VAL A 179 2.37 -7.64 -20.98
C VAL A 179 3.53 -7.72 -21.94
N GLN A 180 3.29 -7.40 -23.21
CA GLN A 180 4.28 -7.52 -24.26
C GLN A 180 4.50 -6.16 -24.90
N CYS A 181 5.77 -5.78 -25.05
CA CYS A 181 6.13 -4.54 -25.74
C CYS A 181 7.46 -4.78 -26.43
N ASN A 182 7.42 -4.97 -27.74
CA ASN A 182 8.62 -5.22 -28.53
C ASN A 182 9.13 -3.90 -29.11
N ALA A 183 10.43 -3.69 -28.97
CA ALA A 183 11.10 -2.54 -29.56
C ALA A 183 12.50 -2.96 -29.95
N SER A 184 13.09 -2.21 -30.87
CA SER A 184 14.40 -2.57 -31.40
C SER A 184 15.48 -2.26 -30.37
N LYS A 185 16.70 -2.72 -30.69
CA LYS A 185 17.84 -2.48 -29.81
C LYS A 185 18.30 -1.04 -29.80
N PHE A 186 17.81 -0.22 -30.73
CA PHE A 186 18.08 1.21 -30.74
C PHE A 186 16.96 2.01 -30.08
N HIS A 187 15.91 1.35 -29.62
CA HIS A 187 14.88 2.00 -28.83
C HIS A 187 15.24 1.93 -27.35
N GLN A 188 14.73 2.90 -26.59
CA GLN A 188 14.95 2.93 -25.16
C GLN A 188 13.64 3.24 -24.43
N GLY A 189 13.64 2.97 -23.14
CA GLY A 189 12.46 3.19 -22.32
C GLY A 189 12.17 1.98 -21.45
N ALA A 190 11.54 2.23 -20.31
CA ALA A 190 11.13 1.18 -19.40
C ALA A 190 9.69 1.41 -18.96
N LEU A 191 8.97 0.31 -18.78
CA LEU A 191 7.60 0.34 -18.29
C LEU A 191 7.54 -0.31 -16.93
N LEU A 192 6.75 0.27 -16.02
CA LEU A 192 6.44 -0.37 -14.76
C LEU A 192 5.15 -1.16 -14.95
N VAL A 193 5.29 -2.44 -15.26
CA VAL A 193 4.14 -3.33 -15.31
C VAL A 193 3.91 -3.84 -13.90
N ALA A 194 2.85 -3.37 -13.26
CA ALA A 194 2.59 -3.67 -11.86
C ALA A 194 1.13 -4.07 -11.68
N ILE A 195 0.89 -4.88 -10.66
CA ILE A 195 -0.44 -5.37 -10.31
C ILE A 195 -0.83 -4.68 -9.01
N LEU A 196 -1.79 -3.76 -9.09
CA LEU A 196 -2.21 -3.03 -7.91
C LEU A 196 -3.52 -3.60 -7.40
N PRO A 197 -3.52 -4.33 -6.29
CA PRO A 197 -4.77 -4.90 -5.78
C PRO A 197 -5.69 -3.82 -5.22
N GLU A 198 -6.98 -3.95 -5.56
CA GLU A 198 -8.02 -3.00 -5.15
C GLU A 198 -7.67 -1.58 -5.56
N TYR A 199 -7.36 -1.42 -6.84
CA TYR A 199 -6.93 -0.13 -7.40
C TYR A 199 -8.14 0.78 -7.52
N VAL A 200 -8.45 1.48 -6.44
CA VAL A 200 -9.57 2.40 -6.41
C VAL A 200 -9.18 3.70 -7.09
N ILE A 201 -9.97 4.11 -8.08
CA ILE A 201 -9.69 5.31 -8.86
C ILE A 201 -10.26 6.51 -8.12
N GLY A 202 -9.42 7.52 -7.92
CA GLY A 202 -9.88 8.81 -7.44
C GLY A 202 -9.96 9.82 -8.57
N THR A 203 -10.49 10.99 -8.25
CA THR A 203 -10.62 12.07 -9.20
C THR A 203 -9.78 13.26 -8.77
N VAL A 204 -9.77 14.28 -9.63
CA VAL A 204 -9.14 15.56 -9.31
C VAL A 204 -9.96 16.37 -8.32
N ALA A 205 -11.19 15.93 -8.02
CA ALA A 205 -12.13 16.61 -7.12
C ALA A 205 -12.36 18.06 -7.57
N GLY A 206 -12.51 18.24 -8.87
CA GLY A 206 -12.65 19.56 -9.45
C GLY A 206 -11.37 20.36 -9.51
N GLY A 207 -10.23 19.74 -9.27
CA GLY A 207 -8.96 20.46 -9.22
C GLY A 207 -8.68 21.16 -7.92
N THR A 208 -9.63 21.96 -7.44
CA THR A 208 -9.47 22.65 -6.16
C THR A 208 -9.64 21.73 -4.96
N GLY A 209 -10.13 20.51 -5.17
CA GLY A 209 -10.31 19.58 -4.08
C GLY A 209 -11.55 19.80 -3.24
N THR A 210 -12.54 20.53 -3.77
CA THR A 210 -13.76 20.86 -3.03
C THR A 210 -14.99 20.55 -3.86
N GLU A 211 -15.04 19.36 -4.44
CA GLU A 211 -16.17 18.96 -5.27
C GLU A 211 -16.77 17.61 -4.92
N ASP A 212 -16.01 16.70 -4.30
CA ASP A 212 -16.46 15.34 -3.98
C ASP A 212 -16.95 14.61 -5.22
N SER A 213 -16.22 14.77 -6.33
CA SER A 213 -16.56 14.05 -7.54
C SER A 213 -16.17 12.58 -7.41
N HIS A 214 -16.82 11.75 -8.22
CA HIS A 214 -16.52 10.33 -8.27
C HIS A 214 -16.25 9.93 -9.71
N PRO A 215 -15.35 8.97 -9.93
CA PRO A 215 -15.03 8.57 -11.30
C PRO A 215 -16.20 7.86 -11.94
N PRO A 216 -16.37 8.00 -13.25
CA PRO A 216 -17.50 7.32 -13.93
C PRO A 216 -17.27 5.82 -14.02
N TYR A 217 -18.31 5.14 -14.51
CA TYR A 217 -18.25 3.70 -14.66
C TYR A 217 -17.20 3.28 -15.70
N ILE A 218 -17.07 4.05 -16.78
CA ILE A 218 -16.09 3.74 -17.82
C ILE A 218 -14.66 4.00 -17.37
N GLN A 219 -14.47 4.77 -16.30
CA GLN A 219 -13.16 4.99 -15.72
C GLN A 219 -12.82 3.91 -14.70
N THR A 220 -13.79 3.53 -13.87
CA THR A 220 -13.55 2.55 -12.82
C THR A 220 -13.40 1.15 -13.41
N GLN A 221 -14.23 0.81 -14.39
CA GLN A 221 -14.22 -0.49 -15.03
C GLN A 221 -14.12 -0.28 -16.54
N PRO A 222 -12.92 -0.03 -17.05
CA PRO A 222 -12.80 0.38 -18.46
C PRO A 222 -12.83 -0.77 -19.46
N GLY A 223 -12.99 -2.01 -19.01
CA GLY A 223 -13.07 -3.11 -19.95
C GLY A 223 -11.73 -3.47 -20.55
N ALA A 224 -11.79 -4.17 -21.68
CA ALA A 224 -10.59 -4.72 -22.30
C ALA A 224 -9.69 -3.63 -22.88
N ASP A 225 -10.26 -2.52 -23.34
CA ASP A 225 -9.44 -1.48 -23.94
C ASP A 225 -8.73 -0.60 -22.92
N GLY A 226 -9.04 -0.75 -21.64
CA GLY A 226 -8.32 -0.04 -20.60
C GLY A 226 -8.65 1.44 -20.53
N PHE A 227 -7.85 2.14 -19.74
CA PHE A 227 -8.05 3.58 -19.52
C PHE A 227 -6.71 4.24 -19.29
N GLU A 228 -6.48 5.37 -19.96
CA GLU A 228 -5.22 6.08 -19.84
C GLU A 228 -5.19 6.88 -18.53
N LEU A 229 -4.03 6.87 -17.89
CA LEU A 229 -3.88 7.59 -16.63
C LEU A 229 -3.79 9.09 -16.88
N GLN A 230 -4.65 9.85 -16.20
CA GLN A 230 -4.60 11.30 -16.31
C GLN A 230 -3.42 11.87 -15.53
N HIS A 231 -3.18 11.36 -14.33
CA HIS A 231 -2.06 11.78 -13.49
C HIS A 231 -1.33 10.52 -13.04
N PRO A 232 -0.41 10.01 -13.86
CA PRO A 232 0.30 8.77 -13.50
C PRO A 232 1.18 8.91 -12.27
N TYR A 233 1.56 10.13 -11.88
CA TYR A 233 2.40 10.30 -10.69
C TYR A 233 1.66 9.86 -9.43
N VAL A 234 0.38 10.18 -9.32
CA VAL A 234 -0.43 9.76 -8.19
C VAL A 234 -1.33 8.58 -8.55
N LEU A 235 -1.15 8.01 -9.75
CA LEU A 235 -1.90 6.87 -10.25
C LEU A 235 -3.40 7.13 -10.28
N ASP A 236 -3.80 8.39 -10.38
CA ASP A 236 -5.20 8.82 -10.30
C ASP A 236 -5.88 8.32 -9.02
N ALA A 237 -5.08 8.11 -7.96
CA ALA A 237 -5.59 7.62 -6.70
C ALA A 237 -4.94 8.26 -5.48
N GLY A 238 -4.04 9.23 -5.67
CA GLY A 238 -3.36 9.84 -4.55
C GLY A 238 -2.25 9.02 -3.95
N ILE A 239 -1.82 7.95 -4.60
CA ILE A 239 -0.75 7.08 -4.12
C ILE A 239 0.40 7.19 -5.11
N PRO A 240 1.65 7.32 -4.66
CA PRO A 240 2.75 7.57 -5.60
C PRO A 240 3.03 6.36 -6.49
N ILE A 241 3.39 6.66 -7.74
CA ILE A 241 3.83 5.63 -8.66
C ILE A 241 5.15 5.03 -8.22
N SER A 242 5.97 5.81 -7.50
CA SER A 242 7.28 5.34 -7.07
C SER A 242 7.17 4.15 -6.13
N GLN A 243 6.18 4.17 -5.24
CA GLN A 243 6.01 3.10 -4.26
C GLN A 243 5.15 1.96 -4.76
N LEU A 244 4.94 1.85 -6.08
CA LEU A 244 4.11 0.79 -6.62
C LEU A 244 4.81 -0.57 -6.64
N THR A 245 6.12 -0.62 -6.41
CA THR A 245 6.85 -1.86 -6.58
C THR A 245 6.73 -2.80 -5.38
N VAL A 246 6.07 -2.40 -4.30
CA VAL A 246 5.74 -3.36 -3.25
C VAL A 246 4.71 -4.34 -3.77
N CYS A 247 3.81 -3.88 -4.62
CA CYS A 247 2.87 -4.72 -5.31
C CYS A 247 3.62 -5.56 -6.36
N PRO A 248 3.03 -6.72 -6.77
CA PRO A 248 3.70 -7.54 -7.79
C PRO A 248 3.92 -6.79 -9.09
N HIS A 249 5.18 -6.56 -9.43
CA HIS A 249 5.54 -5.64 -10.50
C HIS A 249 6.60 -6.25 -11.39
N GLN A 250 6.75 -5.64 -12.56
CA GLN A 250 7.74 -6.07 -13.54
C GLN A 250 8.21 -4.86 -14.33
N TRP A 251 9.36 -5.02 -14.97
CA TRP A 251 9.96 -3.98 -15.80
C TRP A 251 10.08 -4.47 -17.23
N ILE A 252 9.77 -3.57 -18.17
CA ILE A 252 9.89 -3.86 -19.60
C ILE A 252 10.95 -2.91 -20.13
N ASN A 253 12.01 -2.72 -19.35
CA ASN A 253 13.21 -2.05 -19.86
C ASN A 253 13.62 -2.67 -21.19
N LEU A 254 13.52 -1.88 -22.26
CA LEU A 254 13.55 -2.42 -23.61
C LEU A 254 14.91 -2.97 -24.00
N ARG A 255 15.99 -2.52 -23.36
CA ARG A 255 17.30 -3.07 -23.65
C ARG A 255 17.50 -4.46 -23.08
N THR A 256 16.65 -4.89 -22.15
CA THR A 256 16.82 -6.16 -21.46
C THR A 256 15.71 -7.15 -21.78
N ASN A 257 14.45 -6.76 -21.59
CA ASN A 257 13.32 -7.64 -21.85
C ASN A 257 12.23 -6.89 -22.59
N ASN A 258 11.51 -7.61 -23.44
CA ASN A 258 10.40 -7.06 -24.20
C ASN A 258 9.05 -7.54 -23.69
N CYS A 259 9.02 -8.25 -22.56
CA CYS A 259 7.78 -8.80 -22.04
C CYS A 259 7.84 -8.83 -20.53
N ALA A 260 6.66 -8.88 -19.91
CA ALA A 260 6.54 -8.91 -18.46
C ALA A 260 5.46 -9.91 -18.10
N THR A 261 5.86 -11.03 -17.50
CA THR A 261 4.94 -12.07 -17.08
C THR A 261 4.79 -12.01 -15.57
N ILE A 262 3.59 -11.65 -15.11
CA ILE A 262 3.28 -11.64 -13.68
C ILE A 262 2.16 -12.66 -13.46
N ILE A 263 2.50 -13.78 -12.83
CA ILE A 263 1.49 -14.73 -12.38
C ILE A 263 0.88 -14.21 -11.09
N VAL A 264 -0.42 -13.95 -11.12
CA VAL A 264 -1.12 -13.21 -10.08
C VAL A 264 -2.11 -14.15 -9.42
N PRO A 265 -2.08 -14.33 -8.12
CA PRO A 265 -3.08 -15.17 -7.45
C PRO A 265 -4.38 -14.40 -7.27
N TYR A 266 -5.38 -15.10 -6.73
CA TYR A 266 -6.61 -14.43 -6.35
C TYR A 266 -6.46 -13.86 -4.95
N MET A 267 -6.55 -12.53 -4.83
CA MET A 267 -6.58 -11.90 -3.52
C MET A 267 -7.92 -11.22 -3.31
N ASN A 268 -8.56 -11.55 -2.19
CA ASN A 268 -9.75 -10.85 -1.74
C ASN A 268 -9.92 -11.16 -0.26
N THR A 269 -10.71 -10.35 0.41
CA THR A 269 -11.15 -10.68 1.75
C THR A 269 -12.14 -11.83 1.75
N LEU A 270 -12.61 -12.24 0.58
CA LEU A 270 -13.65 -13.21 0.37
C LEU A 270 -13.14 -14.37 -0.47
N PRO A 271 -13.64 -15.58 -0.25
CA PRO A 271 -13.25 -16.70 -1.13
C PRO A 271 -13.65 -16.49 -2.57
N PHE A 272 -14.80 -15.89 -2.81
CA PHE A 272 -15.34 -15.60 -4.13
C PHE A 272 -15.84 -14.16 -4.13
N ASP A 273 -16.09 -13.64 -5.33
CA ASP A 273 -16.67 -12.32 -5.45
C ASP A 273 -17.32 -12.18 -6.81
N SER A 274 -18.15 -11.14 -6.94
CA SER A 274 -18.74 -10.81 -8.23
C SER A 274 -17.65 -10.30 -9.17
N ALA A 275 -17.69 -10.80 -10.40
CA ALA A 275 -16.74 -10.38 -11.43
C ALA A 275 -17.20 -9.13 -12.17
N LEU A 276 -18.41 -8.65 -11.92
CA LEU A 276 -18.98 -7.53 -12.66
C LEU A 276 -18.97 -6.21 -11.91
N ASN A 277 -18.91 -6.24 -10.58
CA ASN A 277 -18.89 -5.00 -9.81
C ASN A 277 -17.80 -5.01 -8.74
N HIS A 278 -16.75 -5.81 -8.92
CA HIS A 278 -15.58 -5.75 -8.05
C HIS A 278 -14.37 -6.15 -8.85
N CYS A 279 -13.38 -5.28 -8.92
CA CYS A 279 -12.12 -5.56 -9.59
C CYS A 279 -11.08 -5.91 -8.53
N ASN A 280 -10.58 -7.14 -8.58
CA ASN A 280 -9.64 -7.62 -7.55
C ASN A 280 -8.34 -6.85 -7.59
N PHE A 281 -7.86 -6.53 -8.80
CA PHE A 281 -6.64 -5.75 -8.93
C PHE A 281 -6.69 -4.94 -10.21
N GLY A 282 -5.79 -3.98 -10.31
CA GLY A 282 -5.62 -3.21 -11.52
C GLY A 282 -4.20 -3.31 -12.03
N LEU A 283 -4.04 -3.62 -13.32
CA LEU A 283 -2.72 -3.77 -13.92
C LEU A 283 -2.25 -2.40 -14.42
N LEU A 284 -1.27 -1.83 -13.73
CA LEU A 284 -0.67 -0.57 -14.15
C LEU A 284 0.46 -0.86 -15.14
N VAL A 285 0.40 -0.21 -16.30
CA VAL A 285 1.47 -0.25 -17.29
C VAL A 285 1.74 1.20 -17.65
N VAL A 286 2.73 1.81 -16.99
CA VAL A 286 3.09 3.21 -17.26
C VAL A 286 4.56 3.28 -17.61
N PRO A 287 4.96 4.22 -18.48
CA PRO A 287 6.38 4.43 -18.75
C PRO A 287 7.05 5.28 -17.68
N ILE A 288 7.87 4.64 -16.85
CA ILE A 288 8.71 5.40 -15.91
C ILE A 288 9.81 6.12 -16.68
N SER A 289 10.46 5.41 -17.60
CA SER A 289 11.43 6.01 -18.50
C SER A 289 10.76 6.21 -19.85
N PRO A 290 10.73 7.43 -20.38
CA PRO A 290 9.99 7.67 -21.63
C PRO A 290 10.60 6.95 -22.81
N LEU A 291 9.73 6.54 -23.73
CA LEU A 291 10.17 5.91 -24.96
C LEU A 291 10.88 6.93 -25.84
N ASP A 292 12.05 6.57 -26.35
CA ASP A 292 12.81 7.48 -27.20
C ASP A 292 13.58 6.68 -28.24
N PHE A 293 13.67 7.24 -29.44
CA PHE A 293 14.37 6.63 -30.55
C PHE A 293 14.68 7.71 -31.57
N ASP A 294 15.68 7.47 -32.40
CA ASP A 294 16.01 8.44 -33.43
C ASP A 294 15.03 8.32 -34.59
N GLN A 295 14.96 9.38 -35.40
CA GLN A 295 14.06 9.41 -36.54
C GLN A 295 14.51 8.42 -37.59
N GLY A 296 13.57 7.61 -38.08
CA GLY A 296 13.89 6.54 -39.01
C GLY A 296 13.45 5.20 -38.46
N ALA A 297 13.60 5.03 -37.15
CA ALA A 297 13.07 3.85 -36.48
C ALA A 297 11.55 3.90 -36.47
N THR A 298 10.94 2.72 -36.26
CA THR A 298 9.48 2.63 -36.32
C THR A 298 8.87 3.40 -35.16
N PRO A 299 8.01 4.38 -35.42
CA PRO A 299 7.42 5.17 -34.31
C PRO A 299 6.27 4.47 -33.61
N VAL A 300 5.73 3.40 -34.19
CA VAL A 300 4.62 2.68 -33.61
C VAL A 300 5.20 1.59 -32.72
N ILE A 301 5.27 1.86 -31.42
CA ILE A 301 5.67 0.86 -30.45
C ILE A 301 4.44 0.48 -29.64
N PRO A 302 3.83 -0.66 -29.93
CA PRO A 302 2.60 -1.04 -29.22
C PRO A 302 2.87 -1.91 -28.00
N ILE A 303 2.01 -1.76 -27.02
CA ILE A 303 2.03 -2.57 -25.81
C ILE A 303 0.81 -3.47 -25.83
N THR A 304 1.04 -4.78 -25.89
CA THR A 304 -0.03 -5.76 -25.99
C THR A 304 -0.21 -6.45 -24.65
N ILE A 305 -1.45 -6.49 -24.17
CA ILE A 305 -1.78 -7.07 -22.87
C ILE A 305 -2.34 -8.47 -23.11
N THR A 306 -1.70 -9.47 -22.52
CA THR A 306 -2.18 -10.85 -22.56
C THR A 306 -2.33 -11.36 -21.13
N LEU A 307 -3.48 -11.95 -20.84
CA LEU A 307 -3.76 -12.43 -19.49
C LEU A 307 -4.46 -13.77 -19.55
N ALA A 308 -3.96 -14.72 -18.77
CA ALA A 308 -4.57 -16.03 -18.65
C ALA A 308 -5.14 -16.20 -17.25
N PRO A 309 -6.45 -16.36 -17.09
CA PRO A 309 -6.98 -16.75 -15.78
C PRO A 309 -6.42 -18.09 -15.35
N MET A 310 -6.17 -18.24 -14.06
CA MET A 310 -5.58 -19.45 -13.51
C MET A 310 -6.47 -19.95 -12.38
N CYS A 311 -6.86 -21.22 -12.47
CA CYS A 311 -7.71 -21.89 -11.47
C CYS A 311 -9.02 -21.14 -11.28
N SER A 312 -9.72 -20.93 -12.39
CA SER A 312 -10.96 -20.16 -12.35
C SER A 312 -12.09 -20.96 -11.70
N GLU A 313 -12.90 -20.27 -10.92
CA GLU A 313 -13.97 -20.88 -10.15
C GLU A 313 -15.19 -19.98 -10.24
N PHE A 314 -16.29 -20.51 -10.77
CA PHE A 314 -17.53 -19.75 -10.92
C PHE A 314 -18.63 -20.45 -10.16
N ALA A 315 -19.32 -19.71 -9.28
CA ALA A 315 -20.40 -20.26 -8.48
C ALA A 315 -21.58 -19.29 -8.51
N GLY A 316 -22.75 -19.79 -8.09
CA GLY A 316 -23.94 -18.99 -8.05
C GLY A 316 -24.50 -18.71 -9.44
N LEU A 317 -24.90 -19.77 -10.13
CA LEU A 317 -25.34 -19.64 -11.52
C LEU A 317 -26.76 -19.08 -11.58
N ARG A 318 -26.97 -18.12 -12.46
CA ARG A 318 -28.28 -17.54 -12.75
C ARG A 318 -28.27 -17.13 -14.21
N GLN A 319 -29.20 -16.25 -14.60
CA GLN A 319 -29.17 -15.68 -15.93
C GLN A 319 -27.93 -14.81 -16.11
N ALA A 320 -27.52 -14.65 -17.36
CA ALA A 320 -26.36 -13.83 -17.66
C ALA A 320 -26.68 -12.35 -17.50
N VAL A 321 -25.77 -11.63 -16.85
CA VAL A 321 -25.90 -10.19 -16.67
C VAL A 321 -24.61 -9.53 -17.13
N THR A 322 -24.74 -8.48 -17.96
CA THR A 322 -23.58 -7.76 -18.44
C THR A 322 -22.86 -7.06 -17.29
N GLN A 323 -23.61 -6.52 -16.33
CA GLN A 323 -23.03 -5.78 -15.22
C GLN A 323 -23.90 -5.88 -13.97
N GLY B 1 -13.40 -6.43 50.59
CA GLY B 1 -12.58 -5.34 50.09
C GLY B 1 -11.09 -5.56 50.27
N PHE B 2 -10.45 -6.03 49.20
CA PHE B 2 -9.00 -6.24 49.22
C PHE B 2 -8.28 -4.90 49.34
N PRO B 3 -7.37 -4.75 50.31
CA PRO B 3 -6.64 -3.49 50.44
C PRO B 3 -5.83 -3.18 49.20
N THR B 4 -5.84 -1.91 48.81
CA THR B 4 -5.32 -1.51 47.51
C THR B 4 -4.96 -0.03 47.54
N GLU B 5 -3.80 0.31 46.99
CA GLU B 5 -3.39 1.69 46.83
C GLU B 5 -3.32 2.03 45.34
N LEU B 6 -3.91 3.17 44.97
CA LEU B 6 -3.82 3.64 43.60
C LEU B 6 -2.57 4.47 43.42
N LYS B 7 -1.73 4.07 42.48
CA LYS B 7 -0.46 4.73 42.21
C LYS B 7 -0.70 5.91 41.29
N PRO B 8 0.33 6.74 41.03
CA PRO B 8 0.18 7.72 39.94
C PRO B 8 -0.05 7.02 38.62
N GLY B 9 -0.93 7.59 37.80
CA GLY B 9 -1.28 7.02 36.52
C GLY B 9 -2.65 6.39 36.44
N THR B 10 -3.47 6.46 37.49
CA THR B 10 -4.83 5.98 37.39
C THR B 10 -5.71 7.00 36.67
N ASN B 11 -6.71 6.49 35.95
CA ASN B 11 -7.65 7.27 35.15
C ASN B 11 -6.95 8.06 34.05
N GLN B 12 -5.70 7.75 33.74
CA GLN B 12 -5.02 8.31 32.59
C GLN B 12 -5.27 7.42 31.38
N PHE B 13 -5.21 8.03 30.20
CA PHE B 13 -5.36 7.30 28.95
C PHE B 13 -4.06 7.46 28.17
N LEU B 14 -3.16 6.48 28.33
CA LEU B 14 -2.00 6.38 27.47
C LEU B 14 -2.43 5.74 26.16
N THR B 15 -2.22 6.45 25.05
CA THR B 15 -2.71 5.97 23.76
C THR B 15 -2.00 4.71 23.31
N THR B 16 -0.75 4.53 23.69
CA THR B 16 0.01 3.35 23.34
C THR B 16 0.01 2.30 24.45
N ASP B 17 -0.84 2.47 25.46
CA ASP B 17 -0.94 1.48 26.53
C ASP B 17 -1.61 0.22 26.02
N ASP B 18 -0.99 -0.93 26.30
CA ASP B 18 -1.54 -2.22 25.93
C ASP B 18 -2.22 -2.79 27.16
N GLY B 19 -3.56 -2.75 27.16
CA GLY B 19 -4.34 -3.18 28.30
C GLY B 19 -5.52 -4.04 27.88
N VAL B 20 -6.27 -4.47 28.88
CA VAL B 20 -7.42 -5.34 28.70
C VAL B 20 -8.67 -4.50 28.91
N SER B 21 -9.53 -4.46 27.89
CA SER B 21 -10.73 -3.64 27.93
C SER B 21 -11.97 -4.52 27.85
N ALA B 22 -13.09 -3.95 28.28
CA ALA B 22 -14.33 -4.71 28.34
C ALA B 22 -14.84 -5.00 26.93
N PRO B 23 -15.10 -6.25 26.58
CA PRO B 23 -15.60 -6.56 25.23
C PRO B 23 -17.04 -6.12 25.07
N ILE B 24 -17.32 -5.41 23.98
CA ILE B 24 -18.68 -4.93 23.73
C ILE B 24 -19.61 -6.07 23.39
N LEU B 25 -19.14 -7.08 22.66
CA LEU B 25 -19.99 -8.16 22.18
C LEU B 25 -19.62 -9.46 22.88
N PRO B 26 -20.42 -9.92 23.83
CA PRO B 26 -20.11 -11.19 24.50
C PRO B 26 -20.34 -12.38 23.58
N ASN B 27 -19.37 -13.30 23.59
CA ASN B 27 -19.41 -14.56 22.82
C ASN B 27 -19.56 -14.31 21.33
N PHE B 28 -18.96 -13.23 20.85
CA PHE B 28 -18.95 -12.92 19.41
C PHE B 28 -17.73 -13.59 18.79
N HIS B 29 -17.96 -14.57 17.95
CA HIS B 29 -16.83 -15.14 17.21
C HIS B 29 -16.75 -14.48 15.83
N PRO B 30 -15.57 -14.04 15.41
CA PRO B 30 -15.47 -13.27 14.17
C PRO B 30 -15.61 -14.17 12.94
N THR B 31 -15.70 -13.53 11.79
CA THR B 31 -15.70 -14.25 10.53
C THR B 31 -14.36 -14.97 10.37
N PRO B 32 -14.36 -16.26 10.03
CA PRO B 32 -13.09 -17.00 9.91
C PRO B 32 -12.20 -16.39 8.84
N CYS B 33 -10.90 -16.38 9.13
CA CYS B 33 -9.91 -15.76 8.26
C CYS B 33 -9.59 -16.69 7.10
N ILE B 34 -10.07 -16.35 5.91
CA ILE B 34 -9.63 -17.07 4.72
C ILE B 34 -8.21 -16.68 4.39
N HIS B 35 -7.54 -17.51 3.60
CA HIS B 35 -6.17 -17.25 3.23
C HIS B 35 -6.14 -16.17 2.14
N ILE B 36 -5.49 -15.06 2.44
CA ILE B 36 -5.30 -13.96 1.49
C ILE B 36 -3.81 -13.88 1.18
N PRO B 37 -3.41 -13.87 -0.09
CA PRO B 37 -1.98 -13.89 -0.41
C PRO B 37 -1.28 -12.59 -0.07
N GLY B 38 0.01 -12.71 0.24
CA GLY B 38 0.87 -11.56 0.41
C GLY B 38 0.90 -10.96 1.80
N GLU B 39 0.49 -11.69 2.82
CA GLU B 39 0.34 -11.14 4.17
C GLU B 39 1.63 -10.53 4.70
N VAL B 40 1.51 -9.34 5.28
CA VAL B 40 2.63 -8.63 5.89
C VAL B 40 2.59 -8.89 7.38
N ARG B 41 3.75 -9.22 7.96
CA ARG B 41 3.83 -9.52 9.37
C ARG B 41 4.89 -8.68 10.07
N ASN B 42 5.56 -7.79 9.35
CA ASN B 42 6.60 -6.91 9.85
C ASN B 42 6.86 -5.84 8.81
N LEU B 43 7.03 -4.60 9.26
CA LEU B 43 7.26 -3.50 8.34
C LEU B 43 8.64 -3.54 7.70
N LEU B 44 9.59 -4.27 8.30
CA LEU B 44 10.89 -4.45 7.69
C LEU B 44 10.81 -5.28 6.42
N GLU B 45 9.78 -6.11 6.28
CA GLU B 45 9.54 -6.79 5.01
C GLU B 45 9.20 -5.78 3.91
N LEU B 46 8.40 -4.77 4.24
CA LEU B 46 8.11 -3.69 3.30
C LEU B 46 9.35 -2.86 3.02
N CYS B 47 10.16 -2.61 4.04
CA CYS B 47 11.39 -1.83 3.87
C CYS B 47 12.40 -2.51 2.97
N GLN B 48 12.33 -3.83 2.82
CA GLN B 48 13.27 -4.58 2.01
C GLN B 48 12.86 -4.67 0.55
N VAL B 49 11.76 -4.04 0.16
CA VAL B 49 11.30 -4.04 -1.23
C VAL B 49 11.88 -2.83 -1.93
N GLU B 50 12.51 -3.06 -3.09
CA GLU B 50 13.07 -1.96 -3.87
C GLU B 50 11.95 -1.07 -4.40
N THR B 51 12.11 0.23 -4.21
CA THR B 51 11.09 1.20 -4.55
C THR B 51 11.76 2.41 -5.20
N ILE B 52 11.10 2.98 -6.22
CA ILE B 52 11.71 4.01 -7.05
C ILE B 52 12.16 5.19 -6.22
N LEU B 53 13.42 5.54 -6.35
CA LEU B 53 14.04 6.64 -5.62
C LEU B 53 14.04 7.89 -6.49
N GLU B 54 13.52 8.98 -5.95
CA GLU B 54 13.38 10.23 -6.70
C GLU B 54 14.65 11.06 -6.54
N VAL B 55 15.72 10.57 -7.18
CA VAL B 55 16.98 11.31 -7.20
C VAL B 55 16.82 12.62 -7.95
N ASN B 56 16.12 12.59 -9.08
CA ASN B 56 15.85 13.81 -9.85
C ASN B 56 14.58 14.49 -9.34
N ASN B 57 14.62 14.93 -8.09
CA ASN B 57 13.47 15.65 -7.54
C ASN B 57 13.59 17.15 -7.80
N VAL B 58 13.95 17.50 -9.03
CA VAL B 58 13.96 18.89 -9.49
C VAL B 58 12.59 19.37 -9.99
N PRO B 59 11.86 18.66 -10.86
CA PRO B 59 10.60 19.21 -11.36
C PRO B 59 9.53 19.25 -10.28
N THR B 60 8.65 20.25 -10.39
CA THR B 60 7.60 20.49 -9.42
C THR B 60 6.20 20.48 -10.01
N ASN B 61 6.03 20.94 -11.25
CA ASN B 61 4.71 20.98 -11.85
C ASN B 61 4.20 19.59 -12.18
N ALA B 62 2.88 19.44 -12.19
CA ALA B 62 2.25 18.14 -12.40
C ALA B 62 2.50 17.58 -13.79
N THR B 63 2.78 18.45 -14.77
CA THR B 63 3.07 17.98 -16.13
C THR B 63 4.36 17.17 -16.17
N SER B 64 5.38 17.60 -15.42
CA SER B 64 6.68 16.95 -15.42
C SER B 64 6.96 16.21 -14.12
N LEU B 65 5.91 15.83 -13.37
CA LEU B 65 6.12 15.09 -12.14
C LEU B 65 6.63 13.68 -12.41
N MET B 66 6.30 13.10 -13.57
CA MET B 66 6.82 11.79 -13.93
C MET B 66 8.32 11.81 -14.20
N GLU B 67 8.89 12.98 -14.49
CA GLU B 67 10.33 13.10 -14.67
C GLU B 67 11.10 12.96 -13.37
N ARG B 68 10.42 12.95 -12.22
CA ARG B 68 11.10 12.81 -10.95
C ARG B 68 11.60 11.39 -10.72
N LEU B 69 10.98 10.41 -11.35
CA LEU B 69 11.29 9.01 -11.10
C LEU B 69 12.55 8.53 -11.78
N ARG B 70 13.15 9.35 -12.65
CA ARG B 70 14.33 8.95 -13.39
C ARG B 70 15.21 10.17 -13.62
N PHE B 71 16.51 9.94 -13.77
CA PHE B 71 17.43 11.05 -13.98
C PHE B 71 18.27 10.82 -15.22
N PRO B 72 18.57 11.88 -15.97
CA PRO B 72 19.16 11.68 -17.31
C PRO B 72 20.62 11.28 -17.26
N VAL B 73 21.00 10.47 -18.24
CA VAL B 73 22.40 10.15 -18.51
C VAL B 73 22.63 10.31 -20.01
N SER B 74 23.71 10.98 -20.37
CA SER B 74 23.96 11.33 -21.76
C SER B 74 25.45 11.40 -22.01
N ALA B 75 25.82 11.50 -23.28
CA ALA B 75 27.22 11.58 -23.66
C ALA B 75 27.83 12.89 -23.14
N GLN B 76 29.02 12.78 -22.58
CA GLN B 76 29.70 13.91 -21.94
C GLN B 76 31.03 14.18 -22.65
N ALA B 77 31.80 15.09 -22.07
CA ALA B 77 33.10 15.46 -22.61
C ALA B 77 34.22 14.56 -22.11
N GLY B 78 33.90 13.52 -21.36
CA GLY B 78 34.90 12.59 -20.85
C GLY B 78 35.87 13.22 -19.88
N LYS B 79 35.35 13.97 -18.90
CA LYS B 79 36.17 14.58 -17.87
C LYS B 79 35.72 14.15 -16.47
N GLY B 80 35.14 12.94 -16.36
CA GLY B 80 34.67 12.45 -15.09
C GLY B 80 33.52 13.26 -14.52
N GLU B 81 32.54 13.56 -15.36
CA GLU B 81 31.47 14.48 -14.99
C GLU B 81 30.57 13.88 -13.91
N LEU B 82 29.89 14.78 -13.19
CA LEU B 82 28.94 14.39 -12.16
C LEU B 82 27.56 14.21 -12.79
N CYS B 83 26.94 13.07 -12.50
CA CYS B 83 25.61 12.78 -13.03
C CYS B 83 24.52 13.20 -12.05
N ALA B 84 24.55 12.65 -10.84
CA ALA B 84 23.53 12.95 -9.84
C ALA B 84 24.09 12.70 -8.45
N VAL B 85 23.62 13.51 -7.49
CA VAL B 85 23.93 13.31 -6.08
C VAL B 85 22.64 13.27 -5.30
N PHE B 86 22.69 12.57 -4.16
CA PHE B 86 21.59 12.58 -3.20
C PHE B 86 22.12 12.11 -1.85
N ARG B 87 21.47 12.54 -0.79
CA ARG B 87 21.82 12.08 0.54
C ARG B 87 21.34 10.66 0.75
N ALA B 88 22.11 9.89 1.52
CA ALA B 88 21.82 8.49 1.76
C ALA B 88 20.93 8.27 2.98
N ASP B 89 20.30 9.31 3.50
CA ASP B 89 19.43 9.18 4.66
C ASP B 89 18.01 8.85 4.22
N PRO B 90 17.49 7.66 4.54
CA PRO B 90 16.12 7.35 4.13
C PRO B 90 15.06 8.22 4.78
N GLY B 91 15.27 8.62 6.03
CA GLY B 91 14.28 9.43 6.72
C GLY B 91 14.39 10.93 6.48
N ARG B 92 15.42 11.37 5.77
CA ARG B 92 15.58 12.79 5.49
C ARG B 92 14.55 13.27 4.48
N ASP B 93 14.16 14.53 4.61
CA ASP B 93 13.25 15.15 3.66
C ASP B 93 13.99 15.45 2.37
N GLY B 94 13.73 14.64 1.34
CA GLY B 94 14.41 14.80 0.07
C GLY B 94 14.09 13.71 -0.91
N PRO B 95 15.11 13.22 -1.61
CA PRO B 95 14.92 12.14 -2.60
C PRO B 95 14.28 10.88 -2.04
N TRP B 96 14.53 10.55 -0.78
CA TRP B 96 14.08 9.28 -0.23
C TRP B 96 12.61 9.28 0.17
N GLN B 97 11.94 10.43 0.15
CA GLN B 97 10.54 10.48 0.54
C GLN B 97 9.65 9.71 -0.43
N SER B 98 10.07 9.58 -1.69
CA SER B 98 9.33 8.79 -2.66
C SER B 98 9.45 7.29 -2.41
N THR B 99 10.38 6.87 -1.55
CA THR B 99 10.61 5.46 -1.29
C THR B 99 9.74 4.98 -0.13
N MET B 100 9.27 3.73 -0.23
CA MET B 100 8.63 3.09 0.90
C MET B 100 9.56 2.97 2.10
N LEU B 101 10.86 2.82 1.85
CA LEU B 101 11.81 2.89 2.95
C LEU B 101 11.78 4.27 3.58
N GLY B 102 11.69 5.32 2.78
CA GLY B 102 11.58 6.67 3.31
C GLY B 102 10.27 6.91 4.04
N GLN B 103 9.16 6.44 3.47
CA GLN B 103 7.85 6.64 4.09
C GLN B 103 7.73 5.88 5.40
N LEU B 104 8.18 4.63 5.42
CA LEU B 104 8.16 3.85 6.65
C LEU B 104 9.17 4.35 7.66
N CYS B 105 10.28 4.92 7.17
CA CYS B 105 11.23 5.56 8.07
C CYS B 105 10.64 6.81 8.70
N GLY B 106 9.68 7.45 8.03
CA GLY B 106 9.03 8.60 8.62
C GLY B 106 8.21 8.29 9.85
N TYR B 107 7.81 7.04 10.01
CA TYR B 107 7.03 6.61 11.16
C TYR B 107 7.89 6.07 12.30
N TYR B 108 9.21 6.05 12.15
CA TYR B 108 10.10 5.56 13.19
C TYR B 108 11.23 6.56 13.42
N THR B 109 11.60 6.75 14.68
CA THR B 109 12.60 7.76 15.01
C THR B 109 14.00 7.31 14.62
N GLN B 110 14.35 6.07 14.95
CA GLN B 110 15.69 5.56 14.76
C GLN B 110 15.69 4.43 13.76
N TRP B 111 16.72 4.41 12.91
CA TRP B 111 16.92 3.34 11.94
C TRP B 111 18.38 2.90 11.97
N SER B 112 18.60 1.64 11.60
CA SER B 112 19.94 1.10 11.51
C SER B 112 19.96 0.04 10.43
N GLY B 113 21.14 -0.22 9.89
CA GLY B 113 21.30 -1.22 8.85
C GLY B 113 21.71 -0.61 7.52
N SER B 114 22.08 -1.49 6.60
CA SER B 114 22.54 -1.08 5.30
C SER B 114 21.36 -0.87 4.36
N LEU B 115 21.62 -0.16 3.26
CA LEU B 115 20.59 0.20 2.30
C LEU B 115 20.99 -0.25 0.91
N GLU B 116 20.02 -0.80 0.17
CA GLU B 116 20.21 -1.17 -1.23
C GLU B 116 19.63 -0.06 -2.09
N VAL B 117 20.46 0.51 -2.96
CA VAL B 117 20.02 1.47 -3.97
C VAL B 117 20.35 0.86 -5.32
N THR B 118 19.33 0.37 -6.01
CA THR B 118 19.51 -0.26 -7.31
C THR B 118 19.35 0.80 -8.40
N PHE B 119 20.38 1.00 -9.20
CA PHE B 119 20.34 1.89 -10.34
C PHE B 119 20.16 1.04 -11.60
N MET B 120 19.05 1.24 -12.30
CA MET B 120 18.74 0.49 -13.50
C MET B 120 18.85 1.41 -14.70
N PHE B 121 19.59 0.96 -15.72
CA PHE B 121 19.79 1.73 -16.93
C PHE B 121 18.66 1.46 -17.90
N THR B 122 18.02 2.53 -18.36
CA THR B 122 16.87 2.44 -19.25
C THR B 122 17.17 3.10 -20.59
N GLY B 123 18.40 2.93 -21.07
CA GLY B 123 18.77 3.34 -22.41
C GLY B 123 18.63 2.22 -23.40
N SER B 124 19.21 2.43 -24.57
CA SER B 124 19.13 1.43 -25.63
C SER B 124 20.08 0.27 -25.34
N PHE B 125 19.86 -0.83 -26.06
CA PHE B 125 20.79 -1.96 -25.99
C PHE B 125 22.15 -1.58 -26.55
N MET B 126 22.19 -0.64 -27.49
CA MET B 126 23.43 -0.14 -28.07
C MET B 126 24.08 0.95 -27.22
N ALA B 127 23.47 1.33 -26.11
CA ALA B 127 24.06 2.32 -25.22
C ALA B 127 25.01 1.62 -24.25
N THR B 128 26.29 1.96 -24.32
CA THR B 128 27.30 1.40 -23.45
C THR B 128 27.90 2.51 -22.58
N GLY B 129 28.57 2.10 -21.52
CA GLY B 129 29.24 3.05 -20.66
C GLY B 129 29.39 2.52 -19.25
N LYS B 130 30.15 3.25 -18.46
CA LYS B 130 30.38 2.92 -17.07
C LYS B 130 30.12 4.13 -16.19
N MET B 131 29.59 3.86 -15.00
CA MET B 131 29.34 4.90 -14.01
C MET B 131 30.00 4.49 -12.69
N LEU B 132 30.59 5.46 -12.01
CA LEU B 132 31.12 5.26 -10.66
C LEU B 132 30.10 5.82 -9.69
N ILE B 133 29.38 4.92 -9.02
CA ILE B 133 28.41 5.30 -7.99
C ILE B 133 29.13 5.24 -6.64
N ALA B 134 29.38 6.40 -6.05
CA ALA B 134 30.18 6.49 -4.84
C ALA B 134 29.30 6.91 -3.67
N TYR B 135 29.35 6.13 -2.59
CA TYR B 135 28.72 6.50 -1.34
C TYR B 135 29.80 7.05 -0.41
N THR B 136 29.68 8.32 -0.07
CA THR B 136 30.62 8.96 0.85
C THR B 136 30.13 8.76 2.28
N PRO B 137 30.93 8.15 3.15
CA PRO B 137 30.59 8.10 4.58
C PRO B 137 30.53 9.50 5.16
N PRO B 138 29.90 9.67 6.32
CA PRO B 138 29.72 11.03 6.88
C PRO B 138 31.04 11.73 7.14
N GLY B 139 31.03 13.05 6.99
CA GLY B 139 32.23 13.83 7.19
C GLY B 139 32.77 14.39 5.90
N GLY B 140 32.77 13.58 4.85
CA GLY B 140 33.17 14.03 3.55
C GLY B 140 32.05 14.81 2.89
N PRO B 141 32.36 16.03 2.44
CA PRO B 141 31.34 16.84 1.76
C PRO B 141 31.08 16.34 0.36
N LEU B 142 30.29 17.08 -0.41
CA LEU B 142 30.02 16.72 -1.79
C LEU B 142 31.33 16.75 -2.58
N PRO B 143 31.74 15.63 -3.19
CA PRO B 143 33.03 15.61 -3.88
C PRO B 143 33.05 16.54 -5.07
N LYS B 144 34.18 17.24 -5.23
CA LYS B 144 34.32 18.18 -6.34
C LYS B 144 34.56 17.45 -7.66
N ASP B 145 35.25 16.31 -7.62
CA ASP B 145 35.54 15.52 -8.80
C ASP B 145 35.34 14.05 -8.47
N ARG B 146 35.53 13.20 -9.49
CA ARG B 146 35.38 11.77 -9.29
C ARG B 146 36.54 11.21 -8.47
N ALA B 147 37.71 11.84 -8.53
CA ALA B 147 38.84 11.40 -7.72
C ALA B 147 38.56 11.58 -6.23
N THR B 148 37.89 12.67 -5.86
CA THR B 148 37.47 12.84 -4.48
C THR B 148 36.44 11.79 -4.08
N ALA B 149 35.57 11.41 -5.01
CA ALA B 149 34.47 10.50 -4.70
C ALA B 149 34.92 9.04 -4.59
N MET B 150 35.92 8.63 -5.37
CA MET B 150 36.30 7.22 -5.36
C MET B 150 37.00 6.80 -4.09
N LEU B 151 37.38 7.74 -3.22
CA LEU B 151 38.00 7.40 -1.95
C LEU B 151 37.01 6.78 -0.98
N GLY B 152 35.71 6.98 -1.19
CA GLY B 152 34.68 6.38 -0.36
C GLY B 152 34.25 5.02 -0.88
N THR B 153 33.18 4.51 -0.26
CA THR B 153 32.57 3.26 -0.72
C THR B 153 31.93 3.50 -2.08
N HIS B 154 32.39 2.78 -3.09
CA HIS B 154 31.90 3.01 -4.45
C HIS B 154 31.81 1.71 -5.21
N VAL B 155 30.99 1.72 -6.24
CA VAL B 155 30.86 0.63 -7.20
C VAL B 155 31.04 1.21 -8.60
N ILE B 156 31.51 0.38 -9.51
CA ILE B 156 31.66 0.77 -10.91
C ILE B 156 30.67 -0.05 -11.72
N TRP B 157 29.84 0.64 -12.50
CA TRP B 157 28.65 0.06 -13.10
C TRP B 157 28.74 0.13 -14.62
N ASP B 158 29.10 -0.99 -15.24
CA ASP B 158 28.90 -1.18 -16.67
C ASP B 158 27.41 -1.27 -16.94
N PHE B 159 26.82 -0.21 -17.48
CA PHE B 159 25.43 -0.32 -17.88
C PHE B 159 25.26 -0.77 -19.33
N GLY B 160 26.36 -0.91 -20.07
CA GLY B 160 26.28 -1.52 -21.39
C GLY B 160 25.96 -3.00 -21.32
N LEU B 161 26.54 -3.71 -20.36
CA LEU B 161 26.33 -5.14 -20.20
C LEU B 161 25.25 -5.45 -19.17
N GLN B 162 25.43 -4.97 -17.94
CA GLN B 162 24.48 -5.20 -16.86
C GLN B 162 23.60 -3.96 -16.76
N SER B 163 22.31 -4.12 -17.06
CA SER B 163 21.40 -2.98 -17.13
C SER B 163 20.99 -2.45 -15.77
N SER B 164 21.30 -3.16 -14.69
CA SER B 164 20.88 -2.73 -13.36
C SER B 164 21.91 -3.20 -12.34
N VAL B 165 22.58 -2.25 -11.70
CA VAL B 165 23.46 -2.55 -10.58
C VAL B 165 22.79 -2.04 -9.30
N THR B 166 23.19 -2.64 -8.18
CA THR B 166 22.78 -2.17 -6.87
C THR B 166 24.00 -1.65 -6.14
N LEU B 167 23.90 -0.41 -5.64
CA LEU B 167 24.92 0.15 -4.76
C LEU B 167 24.45 -0.07 -3.34
N VAL B 168 25.13 -0.96 -2.63
CA VAL B 168 24.83 -1.19 -1.22
C VAL B 168 25.46 -0.05 -0.43
N ILE B 169 24.61 0.73 0.25
CA ILE B 169 25.09 1.73 1.20
C ILE B 169 25.33 1.01 2.52
N PRO B 170 26.57 0.71 2.87
CA PRO B 170 26.82 -0.07 4.08
C PRO B 170 26.51 0.74 5.33
N TRP B 171 26.12 0.05 6.38
CA TRP B 171 25.83 0.69 7.65
C TRP B 171 27.15 1.09 8.30
N ILE B 172 27.54 2.34 8.12
CA ILE B 172 28.74 2.88 8.73
C ILE B 172 28.33 4.11 9.53
N SER B 173 28.25 3.94 10.85
CA SER B 173 27.90 5.05 11.72
C SER B 173 28.61 4.87 13.06
N ASN B 174 28.75 5.99 13.78
CA ASN B 174 29.24 5.92 15.14
C ASN B 174 28.21 5.27 16.05
N THR B 175 26.97 5.73 15.97
CA THR B 175 25.89 5.20 16.80
C THR B 175 25.38 3.87 16.26
N HIS B 176 24.80 3.07 17.16
CA HIS B 176 24.22 1.80 16.76
C HIS B 176 22.96 2.00 15.92
N TYR B 177 22.19 3.04 16.22
CA TYR B 177 21.04 3.43 15.42
C TYR B 177 21.19 4.87 14.98
N ARG B 178 20.58 5.21 13.86
CA ARG B 178 20.61 6.58 13.35
C ARG B 178 19.22 7.19 13.48
N ALA B 179 19.15 8.36 14.11
CA ALA B 179 17.95 9.17 14.01
C ALA B 179 17.89 9.80 12.63
N HIS B 180 16.80 10.51 12.34
CA HIS B 180 16.61 11.06 11.01
C HIS B 180 17.40 12.34 10.86
N ALA B 181 18.31 12.36 9.90
CA ALA B 181 19.17 13.52 9.68
C ALA B 181 18.35 14.70 9.17
N ARG B 182 18.63 15.87 9.73
CA ARG B 182 17.97 17.11 9.34
C ARG B 182 19.02 18.19 9.12
N ASP B 183 18.60 19.28 8.49
CA ASP B 183 19.50 20.40 8.26
C ASP B 183 19.69 21.18 9.56
N GLY B 184 20.65 20.75 10.37
CA GLY B 184 20.91 21.38 11.65
C GLY B 184 21.76 20.53 12.57
N VAL B 185 21.40 20.46 13.84
CA VAL B 185 22.14 19.65 14.80
C VAL B 185 22.03 18.17 14.44
N PHE B 186 20.85 17.74 14.00
CA PHE B 186 20.61 16.33 13.68
C PHE B 186 21.28 15.87 12.39
N ASP B 187 22.08 16.70 11.72
CA ASP B 187 22.94 16.22 10.64
C ASP B 187 24.09 15.37 11.16
N TYR B 188 24.25 15.29 12.48
CA TYR B 188 25.13 14.29 13.09
C TYR B 188 24.77 12.88 12.66
N TYR B 189 23.48 12.61 12.44
CA TYR B 189 22.99 11.30 12.03
C TYR B 189 22.95 11.12 10.53
N THR B 190 23.70 11.90 9.78
CA THR B 190 23.70 11.73 8.33
C THR B 190 24.30 10.39 7.94
N THR B 191 23.73 9.77 6.92
CA THR B 191 24.33 8.57 6.35
C THR B 191 25.52 8.92 5.47
N GLY B 192 25.47 10.07 4.82
CA GLY B 192 26.46 10.52 3.88
C GLY B 192 25.81 10.90 2.58
N LEU B 193 26.61 10.97 1.54
CA LEU B 193 26.15 11.37 0.21
C LEU B 193 26.46 10.28 -0.80
N VAL B 194 25.50 10.00 -1.67
CA VAL B 194 25.69 9.07 -2.78
C VAL B 194 25.75 9.87 -4.06
N SER B 195 26.86 9.75 -4.78
CA SER B 195 27.07 10.51 -6.00
C SER B 195 27.38 9.56 -7.15
N ILE B 196 26.82 9.84 -8.32
CA ILE B 196 27.00 9.04 -9.51
C ILE B 196 27.86 9.86 -10.47
N TRP B 197 28.98 9.28 -10.89
CA TRP B 197 29.91 9.95 -11.79
C TRP B 197 30.09 9.14 -13.06
N TYR B 198 30.38 9.84 -14.15
CA TYR B 198 30.66 9.18 -15.42
C TYR B 198 32.03 8.53 -15.34
N GLN B 199 32.06 7.20 -15.22
CA GLN B 199 33.35 6.52 -15.12
C GLN B 199 34.10 6.57 -16.44
N THR B 200 33.44 6.25 -17.54
CA THR B 200 33.98 6.53 -18.86
C THR B 200 33.11 7.55 -19.60
N ASN B 201 31.88 7.16 -19.96
CA ASN B 201 31.01 7.99 -20.80
C ASN B 201 29.66 7.30 -21.01
N TYR B 202 28.80 7.93 -21.79
CA TYR B 202 27.61 7.31 -22.34
C TYR B 202 27.82 7.22 -23.85
N VAL B 203 28.09 6.02 -24.35
CA VAL B 203 28.50 5.81 -25.73
C VAL B 203 27.35 5.17 -26.50
N VAL B 204 26.96 5.80 -27.59
CA VAL B 204 25.92 5.27 -28.48
C VAL B 204 26.39 5.40 -29.94
N PRO B 205 25.92 4.54 -30.83
CA PRO B 205 26.17 4.75 -32.26
C PRO B 205 25.14 5.68 -32.87
N ILE B 206 25.19 5.87 -34.19
CA ILE B 206 24.14 6.62 -34.87
C ILE B 206 22.86 5.79 -34.89
N GLY B 207 21.74 6.46 -34.65
CA GLY B 207 20.45 5.82 -34.57
C GLY B 207 19.95 5.60 -33.16
N ALA B 208 20.83 5.67 -32.17
CA ALA B 208 20.45 5.55 -30.77
C ALA B 208 20.28 6.93 -30.15
N PRO B 209 19.36 7.07 -29.20
CA PRO B 209 19.17 8.38 -28.55
C PRO B 209 20.41 8.82 -27.79
N ASN B 210 20.67 10.12 -27.84
CA ASN B 210 21.85 10.70 -27.20
C ASN B 210 21.69 10.89 -25.70
N THR B 211 20.45 10.84 -25.19
CA THR B 211 20.19 10.99 -23.77
C THR B 211 19.35 9.81 -23.31
N ALA B 212 19.83 9.11 -22.29
CA ALA B 212 19.09 8.02 -21.66
C ALA B 212 18.70 8.42 -20.24
N TYR B 213 18.09 7.49 -19.52
CA TYR B 213 17.63 7.74 -18.17
C TYR B 213 17.97 6.55 -17.28
N ILE B 214 18.26 6.84 -16.02
CA ILE B 214 18.52 5.83 -15.01
C ILE B 214 17.42 5.93 -13.96
N ILE B 215 16.80 4.79 -13.67
CA ILE B 215 15.77 4.71 -12.63
C ILE B 215 16.42 4.16 -11.38
N ALA B 216 16.47 4.98 -10.33
CA ALA B 216 17.03 4.57 -9.06
C ALA B 216 15.94 3.91 -8.23
N LEU B 217 16.20 2.68 -7.79
CA LEU B 217 15.31 1.97 -6.89
C LEU B 217 16.02 1.81 -5.56
N ALA B 218 15.39 2.24 -4.48
CA ALA B 218 15.99 2.26 -3.16
C ALA B 218 15.29 1.27 -2.25
N ALA B 219 16.05 0.64 -1.37
CA ALA B 219 15.50 -0.34 -0.43
C ALA B 219 16.43 -0.42 0.78
N ALA B 220 16.21 -1.45 1.59
CA ALA B 220 17.03 -1.72 2.76
C ALA B 220 17.34 -3.21 2.79
N GLN B 221 18.43 -3.55 3.47
CA GLN B 221 18.90 -4.93 3.50
C GLN B 221 18.23 -5.71 4.63
N LYS B 222 18.67 -6.95 4.83
CA LYS B 222 18.12 -7.79 5.89
C LYS B 222 18.53 -7.30 7.26
N ASN B 223 19.67 -6.61 7.38
CA ASN B 223 20.15 -6.09 8.64
C ASN B 223 19.45 -4.81 9.05
N PHE B 224 18.53 -4.30 8.23
CA PHE B 224 17.83 -3.07 8.54
C PHE B 224 16.83 -3.27 9.67
N THR B 225 16.67 -2.22 10.48
CA THR B 225 15.77 -2.26 11.62
C THR B 225 15.38 -0.83 11.98
N MET B 226 14.07 -0.59 12.14
CA MET B 226 13.54 0.69 12.58
C MET B 226 13.13 0.61 14.04
N LYS B 227 13.15 1.77 14.71
CA LYS B 227 12.90 1.81 16.15
C LYS B 227 12.13 3.07 16.50
N LEU B 228 11.45 3.01 17.66
CA LEU B 228 10.81 4.15 18.31
C LEU B 228 9.78 4.80 17.39
N CYS B 229 8.69 4.06 17.18
CA CYS B 229 7.61 4.49 16.30
C CYS B 229 7.09 5.87 16.69
N LYS B 230 6.89 6.71 15.68
CA LYS B 230 6.50 8.10 15.88
C LYS B 230 5.58 8.54 14.75
N ASP B 231 4.89 9.66 14.97
CA ASP B 231 4.05 10.23 13.93
C ASP B 231 4.90 10.68 12.76
N THR B 232 4.40 10.42 11.55
CA THR B 232 5.14 10.80 10.35
C THR B 232 5.03 12.30 10.09
N SER B 233 6.03 12.83 9.40
CA SER B 233 6.03 14.23 9.00
C SER B 233 6.38 14.41 7.53
N HIS B 234 6.46 13.32 6.77
CA HIS B 234 6.72 13.42 5.33
C HIS B 234 5.58 14.13 4.62
N ILE B 235 4.35 13.86 5.04
CA ILE B 235 3.17 14.53 4.51
C ILE B 235 2.40 15.12 5.69
N LEU B 236 1.95 16.37 5.55
CA LEU B 236 1.18 17.05 6.57
C LEU B 236 -0.02 17.72 5.91
N GLN B 237 -1.16 17.68 6.59
CA GLN B 237 -2.39 18.29 6.10
C GLN B 237 -2.78 19.44 7.00
N THR B 238 -3.01 20.61 6.41
CA THR B 238 -3.50 21.77 7.12
C THR B 238 -5.02 21.90 7.07
N ALA B 239 -5.69 20.94 6.43
CA ALA B 239 -7.14 20.99 6.26
C ALA B 239 -7.76 19.68 6.74
N SER B 240 -9.02 19.76 7.16
CA SER B 240 -9.73 18.58 7.63
C SER B 240 -10.22 17.75 6.44
N ILE B 241 -10.69 16.54 6.74
CA ILE B 241 -11.19 15.62 5.73
C ILE B 241 -12.71 15.75 5.71
N GLN B 242 -13.25 16.11 4.56
CA GLN B 242 -14.68 16.39 4.43
C GLN B 242 -15.48 15.10 4.31
N ARG C 3 -11.24 -44.58 -16.89
CA ARG C 3 -11.01 -44.92 -18.29
C ARG C 3 -10.66 -43.68 -19.11
N VAL C 4 -10.40 -42.58 -18.41
CA VAL C 4 -10.11 -41.30 -19.04
C VAL C 4 -8.73 -40.79 -18.63
N ALA C 5 -8.40 -40.86 -17.34
CA ALA C 5 -7.12 -40.48 -16.77
C ALA C 5 -6.79 -39.00 -16.96
N ASP C 6 -7.78 -38.18 -17.28
CA ASP C 6 -7.60 -36.73 -17.40
C ASP C 6 -8.31 -35.95 -16.31
N MET C 7 -9.30 -36.54 -15.65
CA MET C 7 -9.95 -35.94 -14.49
C MET C 7 -8.97 -35.70 -13.36
N ASN C 31 22.67 -9.75 10.75
CA ASN C 31 23.94 -10.16 11.35
C ASN C 31 25.04 -10.20 10.30
N THR C 32 25.81 -9.11 10.22
CA THR C 32 26.92 -9.03 9.29
C THR C 32 28.09 -9.87 9.79
N GLN C 33 28.67 -10.67 8.90
CA GLN C 33 29.78 -11.55 9.23
C GLN C 33 31.00 -11.18 8.38
N VAL C 34 32.04 -12.00 8.49
CA VAL C 34 33.28 -11.79 7.75
C VAL C 34 33.06 -11.97 6.25
N THR C 58 22.80 -6.34 -1.05
CA THR C 58 23.16 -7.74 -1.27
C THR C 58 23.98 -8.26 -0.08
N SER C 59 23.43 -8.04 1.12
CA SER C 59 23.97 -8.58 2.37
C SER C 59 25.38 -8.07 2.69
N ASP C 60 25.77 -6.95 2.09
CA ASP C 60 27.01 -6.20 2.33
C ASP C 60 28.27 -6.95 1.91
N GLU C 61 28.17 -8.19 1.44
CA GLU C 61 29.34 -9.01 1.18
C GLU C 61 29.88 -8.89 -0.24
N SER C 62 29.00 -8.73 -1.23
CA SER C 62 29.42 -8.65 -2.62
C SER C 62 29.79 -7.23 -3.04
N MET C 63 29.71 -6.26 -2.14
CA MET C 63 30.03 -4.87 -2.46
C MET C 63 31.25 -4.34 -1.73
N ILE C 64 31.38 -4.61 -0.43
CA ILE C 64 32.51 -4.14 0.36
C ILE C 64 33.08 -5.30 1.16
N GLU C 65 34.26 -5.07 1.73
CA GLU C 65 34.79 -5.96 2.76
C GLU C 65 34.16 -5.62 4.10
N THR C 66 33.72 -6.66 4.80
CA THR C 66 32.95 -6.48 6.02
C THR C 66 33.63 -7.18 7.20
N ARG C 67 33.41 -6.62 8.39
CA ARG C 67 33.74 -7.29 9.64
C ARG C 67 32.50 -8.04 10.14
N CYS C 68 32.72 -8.83 11.19
CA CYS C 68 31.61 -9.55 11.82
C CYS C 68 30.91 -8.60 12.78
N VAL C 69 29.60 -8.45 12.61
CA VAL C 69 28.78 -7.60 13.46
C VAL C 69 27.70 -8.46 14.08
N LEU C 70 27.64 -8.47 15.42
CA LEU C 70 26.58 -9.19 16.13
C LEU C 70 25.38 -8.25 16.18
N ASN C 71 24.39 -8.52 15.33
CA ASN C 71 23.21 -7.66 15.21
C ASN C 71 22.17 -8.11 16.22
N SER C 72 22.30 -7.62 17.44
CA SER C 72 21.27 -7.82 18.47
C SER C 72 20.20 -6.74 18.37
N HIS C 73 19.66 -6.56 17.16
CA HIS C 73 18.69 -5.52 16.86
C HIS C 73 17.32 -6.18 16.70
N SER C 74 16.43 -5.92 17.64
CA SER C 74 15.12 -6.55 17.63
C SER C 74 14.23 -5.96 16.55
N THR C 75 13.45 -6.82 15.89
CA THR C 75 12.49 -6.41 14.90
C THR C 75 11.07 -6.34 15.46
N ALA C 76 10.92 -6.41 16.78
CA ALA C 76 9.60 -6.51 17.40
C ALA C 76 8.83 -5.20 17.35
N GLU C 77 9.48 -4.08 17.10
CA GLU C 77 8.80 -2.79 17.06
C GLU C 77 8.28 -2.42 15.69
N THR C 78 8.60 -3.20 14.67
CA THR C 78 8.10 -2.97 13.32
C THR C 78 6.95 -3.88 12.95
N THR C 79 6.47 -4.69 13.90
CA THR C 79 5.32 -5.55 13.65
C THR C 79 4.05 -4.71 13.55
N LEU C 80 2.99 -5.35 13.04
CA LEU C 80 1.70 -4.68 13.01
C LEU C 80 1.17 -4.44 14.42
N ASP C 81 1.40 -5.39 15.33
CA ASP C 81 0.97 -5.23 16.70
C ASP C 81 1.79 -4.18 17.46
N SER C 82 2.87 -3.68 16.86
CA SER C 82 3.62 -2.56 17.41
C SER C 82 3.37 -1.26 16.66
N PHE C 83 3.25 -1.33 15.34
CA PHE C 83 3.03 -0.13 14.53
C PHE C 83 1.57 0.35 14.60
N PHE C 84 0.63 -0.56 14.87
CA PHE C 84 -0.78 -0.22 14.81
C PHE C 84 -1.48 -0.24 16.17
N SER C 85 -0.87 -0.81 17.20
CA SER C 85 -1.53 -0.84 18.51
C SER C 85 -1.25 0.45 19.28
N ARG C 86 -1.49 1.58 18.63
CA ARG C 86 -1.33 2.90 19.23
C ARG C 86 -2.58 3.70 18.91
N ALA C 87 -3.28 4.15 19.97
CA ALA C 87 -4.58 4.76 19.79
C ALA C 87 -4.46 6.11 19.09
N GLY C 88 -5.24 6.30 18.03
CA GLY C 88 -5.24 7.54 17.30
C GLY C 88 -6.66 8.06 17.14
N LEU C 89 -6.74 9.38 16.93
CA LEU C 89 -8.03 10.05 16.81
C LEU C 89 -8.71 9.63 15.52
N VAL C 90 -9.81 8.89 15.62
CA VAL C 90 -10.58 8.47 14.46
C VAL C 90 -11.96 9.10 14.41
N GLY C 91 -12.36 9.84 15.44
CA GLY C 91 -13.67 10.47 15.44
C GLY C 91 -13.84 11.53 16.51
N GLU C 92 -14.45 12.66 16.13
CA GLU C 92 -14.79 13.73 17.06
C GLU C 92 -16.26 14.07 16.90
N ILE C 93 -16.98 14.08 18.00
CA ILE C 93 -18.43 14.28 17.99
C ILE C 93 -18.74 15.55 18.77
N ASP C 94 -19.43 16.48 18.12
CA ASP C 94 -19.77 17.77 18.71
C ASP C 94 -21.21 17.74 19.18
N LEU C 95 -21.43 18.09 20.45
CA LEU C 95 -22.76 18.21 21.04
C LEU C 95 -22.87 19.59 21.66
N PRO C 96 -23.05 20.62 20.83
CA PRO C 96 -23.04 22.00 21.32
C PRO C 96 -24.38 22.37 21.94
N LEU C 97 -24.43 23.61 22.46
CA LEU C 97 -25.64 24.13 23.07
C LEU C 97 -26.51 24.91 22.09
N GLU C 98 -25.89 25.71 21.22
CA GLU C 98 -26.61 26.53 20.27
C GLU C 98 -26.28 26.21 18.81
N GLY C 99 -25.27 25.38 18.55
CA GLY C 99 -24.93 25.07 17.18
C GLY C 99 -25.95 24.18 16.50
N THR C 100 -25.91 24.18 15.18
CA THR C 100 -26.85 23.41 14.38
C THR C 100 -26.34 22.03 14.01
N THR C 101 -25.17 21.63 14.52
CA THR C 101 -24.62 20.32 14.19
C THR C 101 -25.42 19.20 14.84
N ASN C 102 -25.41 19.17 16.18
CA ASN C 102 -26.21 18.21 16.95
C ASN C 102 -26.90 18.96 18.09
N PRO C 103 -27.90 19.78 17.77
CA PRO C 103 -28.50 20.65 18.80
C PRO C 103 -29.43 19.92 19.76
N ASN C 104 -29.83 18.70 19.47
CA ASN C 104 -30.81 17.99 20.28
C ASN C 104 -30.17 17.11 21.35
N GLY C 105 -28.86 17.19 21.52
CA GLY C 105 -28.17 16.42 22.54
C GLY C 105 -27.82 15.01 22.14
N TYR C 106 -28.09 14.60 20.91
CA TYR C 106 -27.72 13.28 20.43
C TYR C 106 -26.96 13.42 19.11
N ALA C 107 -26.14 12.42 18.81
CA ALA C 107 -25.42 12.39 17.56
C ALA C 107 -25.27 10.94 17.11
N ASN C 108 -25.30 10.74 15.80
CA ASN C 108 -25.11 9.43 15.19
C ASN C 108 -23.86 9.52 14.32
N TRP C 109 -22.73 9.05 14.84
CA TRP C 109 -21.46 9.09 14.13
C TRP C 109 -21.29 7.78 13.39
N ASP C 110 -21.35 7.84 12.05
CA ASP C 110 -21.08 6.65 11.25
C ASP C 110 -19.64 6.22 11.44
N ILE C 111 -19.45 4.92 11.69
CA ILE C 111 -18.12 4.41 12.00
C ILE C 111 -17.30 4.43 10.72
N ASP C 112 -16.38 5.39 10.63
CA ASP C 112 -15.54 5.57 9.45
C ASP C 112 -14.24 6.19 9.93
N ILE C 113 -13.20 5.35 10.08
CA ILE C 113 -11.93 5.82 10.65
C ILE C 113 -11.07 6.56 9.64
N THR C 114 -11.56 6.77 8.43
CA THR C 114 -10.83 7.52 7.41
C THR C 114 -11.09 9.03 7.48
N GLY C 115 -11.50 9.53 8.65
CA GLY C 115 -11.76 10.94 8.81
C GLY C 115 -10.60 11.78 9.26
N TYR C 116 -9.51 11.16 9.68
CA TYR C 116 -8.34 11.89 10.17
C TYR C 116 -7.09 11.32 9.53
N ALA C 117 -6.22 12.20 9.05
CA ALA C 117 -5.18 11.84 8.10
C ALA C 117 -4.15 10.87 8.68
N GLN C 118 -3.81 11.02 9.97
CA GLN C 118 -2.74 10.22 10.56
C GLN C 118 -3.09 8.73 10.56
N MET C 119 -4.17 8.36 11.25
CA MET C 119 -4.55 6.96 11.32
C MET C 119 -5.05 6.43 9.98
N ARG C 120 -5.68 7.29 9.17
CA ARG C 120 -6.11 6.86 7.85
C ARG C 120 -4.93 6.47 6.97
N ARG C 121 -3.87 7.29 6.97
CA ARG C 121 -2.67 6.94 6.21
C ARG C 121 -1.96 5.74 6.82
N LYS C 122 -2.02 5.58 8.15
CA LYS C 122 -1.43 4.41 8.78
C LYS C 122 -2.10 3.13 8.32
N VAL C 123 -3.43 3.06 8.41
CA VAL C 123 -4.13 1.85 8.04
C VAL C 123 -4.21 1.66 6.53
N GLU C 124 -4.13 2.74 5.76
CA GLU C 124 -4.23 2.65 4.31
C GLU C 124 -2.92 2.27 3.64
N LEU C 125 -1.89 1.97 4.43
CA LEU C 125 -0.70 1.32 3.89
C LEU C 125 -1.04 -0.04 3.31
N PHE C 126 -2.11 -0.67 3.80
CA PHE C 126 -2.59 -1.95 3.32
C PHE C 126 -4.01 -1.79 2.80
N THR C 127 -4.48 -2.78 2.03
CA THR C 127 -5.89 -2.88 1.69
C THR C 127 -6.65 -3.73 2.71
N TYR C 128 -6.27 -5.00 2.82
CA TYR C 128 -6.98 -5.94 3.66
C TYR C 128 -6.35 -5.95 5.04
N MET C 129 -7.19 -5.86 6.07
CA MET C 129 -6.67 -5.53 7.39
C MET C 129 -7.66 -6.04 8.44
N ARG C 130 -7.28 -7.10 9.14
CA ARG C 130 -8.15 -7.74 10.13
C ARG C 130 -7.57 -7.52 11.52
N PHE C 131 -8.38 -6.95 12.42
CA PHE C 131 -7.90 -6.62 13.74
C PHE C 131 -9.08 -6.53 14.71
N ASP C 132 -8.75 -6.60 16.00
CA ASP C 132 -9.65 -6.19 17.06
C ASP C 132 -9.25 -4.80 17.53
N ALA C 133 -10.22 -3.99 17.91
CA ALA C 133 -9.99 -2.58 18.19
C ALA C 133 -10.26 -2.26 19.65
N GLU C 134 -9.40 -1.43 20.22
CA GLU C 134 -9.58 -0.87 21.56
C GLU C 134 -10.06 0.57 21.37
N PHE C 135 -11.36 0.79 21.56
CA PHE C 135 -11.96 2.09 21.30
C PHE C 135 -12.05 2.87 22.60
N THR C 136 -11.51 4.08 22.59
CA THR C 136 -11.51 4.96 23.75
C THR C 136 -12.19 6.27 23.39
N PHE C 137 -13.09 6.73 24.26
CA PHE C 137 -13.90 7.92 24.02
C PHE C 137 -13.60 8.93 25.11
N VAL C 138 -12.90 10.01 24.75
CA VAL C 138 -12.49 11.04 25.69
C VAL C 138 -13.47 12.20 25.54
N ALA C 139 -14.49 12.22 26.40
CA ALA C 139 -15.51 13.26 26.36
C ALA C 139 -15.08 14.46 27.19
N CYS C 140 -15.27 15.65 26.63
CA CYS C 140 -14.88 16.89 27.30
C CYS C 140 -15.67 18.04 26.72
N THR C 141 -15.66 19.15 27.45
CA THR C 141 -16.17 20.41 26.93
C THR C 141 -15.28 20.88 25.79
N PRO C 142 -15.83 21.63 24.83
CA PRO C 142 -14.98 22.25 23.80
C PRO C 142 -13.91 23.20 24.36
N THR C 143 -14.06 23.67 25.59
CA THR C 143 -12.99 24.38 26.27
C THR C 143 -12.07 23.44 27.06
N GLY C 144 -12.29 22.14 26.97
CA GLY C 144 -11.50 21.17 27.71
C GLY C 144 -11.98 20.88 29.12
N GLN C 145 -13.04 21.55 29.57
CA GLN C 145 -13.51 21.39 30.94
C GLN C 145 -14.11 20.00 31.14
N VAL C 146 -13.90 19.44 32.33
CA VAL C 146 -14.51 18.18 32.73
C VAL C 146 -15.75 18.53 33.54
N VAL C 147 -16.91 18.39 32.91
CA VAL C 147 -18.17 18.81 33.52
C VAL C 147 -18.91 17.58 34.06
N PRO C 148 -19.70 17.72 35.13
CA PRO C 148 -20.45 16.55 35.65
C PRO C 148 -21.66 16.21 34.78
N GLN C 149 -21.38 15.61 33.63
CA GLN C 149 -22.41 15.24 32.66
C GLN C 149 -22.32 13.75 32.38
N LEU C 150 -23.48 13.08 32.34
CA LEU C 150 -23.56 11.66 32.06
C LEU C 150 -23.93 11.46 30.60
N LEU C 151 -23.14 10.66 29.89
CA LEU C 151 -23.36 10.38 28.48
C LEU C 151 -23.67 8.89 28.30
N GLN C 152 -24.31 8.59 27.17
CA GLN C 152 -24.55 7.19 26.78
C GLN C 152 -23.97 6.98 25.38
N TYR C 153 -22.80 6.35 25.32
CA TYR C 153 -22.31 5.81 24.07
C TYR C 153 -23.11 4.56 23.75
N MET C 154 -23.47 4.39 22.48
CA MET C 154 -24.19 3.21 22.06
C MET C 154 -23.69 2.78 20.68
N PHE C 155 -23.19 1.56 20.60
CA PHE C 155 -22.85 0.98 19.30
C PHE C 155 -24.13 0.51 18.63
N VAL C 156 -24.39 1.05 17.44
CA VAL C 156 -25.59 0.72 16.68
C VAL C 156 -25.15 -0.04 15.44
N PRO C 157 -25.16 -1.37 15.46
CA PRO C 157 -24.74 -2.16 14.30
C PRO C 157 -25.71 -1.98 13.14
N PRO C 158 -25.31 -2.29 11.91
CA PRO C 158 -26.21 -2.11 10.77
C PRO C 158 -27.48 -2.94 10.92
N GLY C 159 -28.62 -2.30 10.68
CA GLY C 159 -29.92 -2.88 10.90
C GLY C 159 -30.57 -2.42 12.20
N ALA C 160 -29.78 -2.17 13.24
CA ALA C 160 -30.32 -1.64 14.48
C ALA C 160 -30.79 -0.20 14.27
N PRO C 161 -31.85 0.23 14.96
CA PRO C 161 -32.41 1.56 14.71
C PRO C 161 -31.50 2.67 15.21
N LYS C 162 -31.14 3.56 14.31
CA LYS C 162 -30.43 4.77 14.71
C LYS C 162 -31.39 5.67 15.49
N PRO C 163 -30.99 6.16 16.66
CA PRO C 163 -31.90 7.03 17.44
C PRO C 163 -32.19 8.33 16.71
N GLU C 164 -33.48 8.66 16.63
CA GLU C 164 -33.93 9.88 15.98
C GLU C 164 -33.98 11.08 16.93
N SER C 165 -33.81 10.86 18.22
CA SER C 165 -33.85 11.94 19.20
C SER C 165 -33.04 11.52 20.42
N ARG C 166 -32.86 12.47 21.34
CA ARG C 166 -32.16 12.19 22.59
C ARG C 166 -32.96 11.22 23.46
N GLU C 167 -34.29 11.36 23.47
CA GLU C 167 -35.17 10.49 24.24
C GLU C 167 -35.76 9.37 23.39
N SER C 168 -35.02 8.90 22.40
CA SER C 168 -35.49 7.83 21.53
C SER C 168 -35.58 6.51 22.30
N LEU C 169 -36.49 5.64 21.85
CA LEU C 169 -36.62 4.32 22.45
C LEU C 169 -35.50 3.38 22.04
N ALA C 170 -34.68 3.75 21.06
CA ALA C 170 -33.51 2.94 20.73
C ALA C 170 -32.45 3.00 21.82
N TRP C 171 -32.54 3.96 22.73
CA TRP C 171 -31.58 4.11 23.81
C TRP C 171 -31.79 3.11 24.95
N GLN C 172 -32.86 2.31 24.89
CA GLN C 172 -33.04 1.26 25.88
C GLN C 172 -31.98 0.17 25.77
N THR C 173 -31.29 0.10 24.63
CA THR C 173 -30.11 -0.75 24.34
C THR C 173 -30.23 -2.16 24.93
N ALA C 174 -31.39 -2.78 24.72
CA ALA C 174 -31.61 -4.13 25.22
C ALA C 174 -30.74 -5.15 24.51
N THR C 175 -30.25 -4.86 23.31
CA THR C 175 -29.39 -5.79 22.60
C THR C 175 -28.13 -5.07 22.10
N ASN C 176 -28.24 -3.78 21.85
CA ASN C 176 -27.10 -3.01 21.37
C ASN C 176 -26.06 -2.84 22.48
N PRO C 177 -24.77 -2.94 22.15
CA PRO C 177 -23.74 -2.66 23.15
C PRO C 177 -23.67 -1.16 23.41
N SER C 178 -23.84 -0.77 24.67
CA SER C 178 -23.86 0.63 25.05
C SER C 178 -23.04 0.86 26.31
N VAL C 179 -22.46 2.05 26.41
CA VAL C 179 -21.62 2.43 27.54
C VAL C 179 -22.26 3.62 28.23
N PHE C 180 -22.42 3.51 29.56
CA PHE C 180 -22.86 4.61 30.41
C PHE C 180 -21.66 5.08 31.21
N VAL C 181 -21.32 6.36 31.10
CA VAL C 181 -20.11 6.87 31.72
C VAL C 181 -20.28 8.38 31.92
N LYS C 182 -19.72 8.89 33.00
CA LYS C 182 -19.66 10.31 33.26
C LYS C 182 -18.38 10.91 32.69
N LEU C 183 -18.40 12.22 32.48
CA LEU C 183 -17.19 12.90 32.01
C LEU C 183 -16.14 12.97 33.10
N THR C 184 -16.55 13.04 34.37
CA THR C 184 -15.61 12.99 35.48
C THR C 184 -14.91 11.64 35.56
N ASP C 185 -15.50 10.59 35.02
CA ASP C 185 -14.86 9.31 34.91
C ASP C 185 -13.76 9.35 33.86
N PRO C 186 -12.80 8.43 33.93
CA PRO C 186 -11.79 8.32 32.85
C PRO C 186 -12.45 7.95 31.54
N PRO C 187 -11.76 8.16 30.40
CA PRO C 187 -12.37 7.87 29.10
C PRO C 187 -12.80 6.41 28.99
N ALA C 188 -13.98 6.21 28.39
CA ALA C 188 -14.55 4.88 28.28
C ALA C 188 -13.76 4.07 27.27
N GLN C 189 -13.23 2.93 27.70
CA GLN C 189 -12.45 2.05 26.86
C GLN C 189 -13.19 0.73 26.68
N VAL C 190 -13.41 0.34 25.43
CA VAL C 190 -14.10 -0.90 25.11
C VAL C 190 -13.29 -1.65 24.07
N SER C 191 -13.33 -2.97 24.16
CA SER C 191 -12.68 -3.85 23.19
C SER C 191 -13.67 -4.22 22.11
N VAL C 192 -13.40 -3.79 20.88
CA VAL C 192 -14.26 -4.04 19.73
C VAL C 192 -13.64 -5.17 18.91
N PRO C 193 -14.37 -6.23 18.63
CA PRO C 193 -13.80 -7.38 17.91
C PRO C 193 -13.68 -7.07 16.42
N PHE C 194 -13.25 -8.09 15.68
CA PHE C 194 -13.28 -8.02 14.23
C PHE C 194 -14.68 -8.41 13.78
N MET C 195 -15.47 -7.43 13.37
CA MET C 195 -16.89 -7.62 13.15
C MET C 195 -17.27 -7.70 11.68
N SER C 196 -16.30 -7.63 10.77
CA SER C 196 -16.62 -7.58 9.35
C SER C 196 -17.17 -8.93 8.87
N PRO C 197 -18.16 -8.92 7.97
CA PRO C 197 -18.54 -10.17 7.30
C PRO C 197 -17.45 -10.73 6.42
N ALA C 198 -16.52 -9.89 5.97
CA ALA C 198 -15.35 -10.33 5.23
C ALA C 198 -14.31 -10.91 6.20
N SER C 199 -13.23 -11.44 5.63
CA SER C 199 -12.13 -11.92 6.47
C SER C 199 -11.20 -10.81 6.91
N ALA C 200 -11.35 -9.61 6.35
CA ALA C 200 -10.55 -8.46 6.74
C ALA C 200 -11.30 -7.19 6.36
N TYR C 201 -10.97 -6.10 7.07
CA TYR C 201 -11.46 -4.80 6.65
C TYR C 201 -10.74 -4.37 5.38
N GLN C 202 -11.37 -3.47 4.64
CA GLN C 202 -10.96 -3.20 3.26
C GLN C 202 -11.05 -1.70 3.02
N TRP C 203 -9.93 -1.00 3.20
CA TRP C 203 -9.92 0.45 3.03
C TRP C 203 -9.99 0.86 1.56
N PHE C 204 -9.74 -0.05 0.64
CA PHE C 204 -9.83 0.22 -0.80
C PHE C 204 -10.64 -0.90 -1.42
N TYR C 205 -11.81 -0.55 -1.96
CA TYR C 205 -12.71 -1.52 -2.59
C TYR C 205 -12.88 -1.11 -4.05
N ASP C 206 -12.08 -1.71 -4.93
CA ASP C 206 -12.17 -1.41 -6.36
C ASP C 206 -13.39 -2.11 -6.92
N GLY C 207 -14.52 -1.46 -6.78
CA GLY C 207 -15.77 -2.00 -7.29
C GLY C 207 -16.97 -1.30 -6.69
N TYR C 208 -18.13 -1.86 -6.97
CA TYR C 208 -19.41 -1.33 -6.53
C TYR C 208 -20.11 -2.35 -5.63
N PRO C 209 -20.92 -1.89 -4.68
CA PRO C 209 -21.61 -2.87 -3.82
C PRO C 209 -22.78 -3.54 -4.51
N THR C 210 -23.55 -2.81 -5.30
CA THR C 210 -24.74 -3.34 -5.93
C THR C 210 -24.50 -3.64 -7.40
N PHE C 211 -25.44 -4.36 -8.00
CA PHE C 211 -25.41 -4.66 -9.43
C PHE C 211 -26.19 -3.57 -10.16
N GLY C 212 -26.44 -3.80 -11.45
CA GLY C 212 -27.16 -2.84 -12.27
C GLY C 212 -26.24 -1.80 -12.86
N GLU C 213 -26.81 -0.97 -13.73
CA GLU C 213 -26.02 0.06 -14.40
C GLU C 213 -25.66 1.17 -13.41
N HIS C 214 -24.40 1.60 -13.46
CA HIS C 214 -23.85 2.53 -12.49
C HIS C 214 -23.73 3.90 -13.16
N LYS C 215 -24.75 4.72 -12.97
CA LYS C 215 -24.79 6.06 -13.54
C LYS C 215 -23.97 7.02 -12.70
N GLN C 216 -24.01 8.30 -13.07
CA GLN C 216 -23.32 9.34 -12.31
C GLN C 216 -24.00 9.63 -10.98
N GLU C 217 -25.29 9.34 -10.85
CA GLU C 217 -25.97 9.52 -9.58
C GLU C 217 -25.60 8.42 -8.58
N LYS C 218 -25.24 7.24 -9.08
CA LYS C 218 -24.80 6.13 -8.24
C LYS C 218 -23.29 6.03 -8.18
N ASP C 219 -22.57 7.05 -8.67
CA ASP C 219 -21.11 7.00 -8.66
C ASP C 219 -20.53 7.13 -7.26
N LEU C 220 -21.28 7.68 -6.31
CA LEU C 220 -20.80 7.77 -4.93
C LEU C 220 -20.71 6.40 -4.27
N GLU C 221 -21.36 5.38 -4.82
CA GLU C 221 -21.26 4.03 -4.29
C GLU C 221 -19.94 3.35 -4.62
N TYR C 222 -19.14 3.93 -5.51
CA TYR C 222 -17.85 3.34 -5.84
C TYR C 222 -16.92 3.40 -4.64
N GLY C 223 -16.27 2.29 -4.34
CA GLY C 223 -15.34 2.22 -3.23
C GLY C 223 -15.98 2.08 -1.86
N ALA C 224 -17.30 1.94 -1.80
CA ALA C 224 -18.03 1.83 -0.53
C ALA C 224 -18.34 0.36 -0.29
N CYS C 225 -17.41 -0.35 0.33
CA CYS C 225 -17.61 -1.75 0.65
C CYS C 225 -18.41 -1.86 1.94
N PRO C 226 -19.61 -2.44 1.91
CA PRO C 226 -20.39 -2.57 3.16
C PRO C 226 -19.84 -3.59 4.14
N ASN C 227 -18.72 -4.23 3.82
CA ASN C 227 -17.97 -4.98 4.83
C ASN C 227 -17.26 -4.06 5.81
N ASN C 228 -17.19 -2.77 5.51
CA ASN C 228 -16.49 -1.80 6.35
C ASN C 228 -17.41 -0.88 7.13
N MET C 229 -18.52 -0.43 6.55
CA MET C 229 -19.47 0.34 7.35
C MET C 229 -20.17 -0.57 8.33
N MET C 230 -19.96 -0.30 9.62
CA MET C 230 -20.44 -1.15 10.69
C MET C 230 -21.44 -0.41 11.56
N GLY C 231 -22.36 0.29 10.91
CA GLY C 231 -23.36 1.05 11.62
C GLY C 231 -22.80 2.35 12.16
N THR C 232 -23.53 2.92 13.11
CA THR C 232 -23.17 4.21 13.69
C THR C 232 -22.78 4.04 15.15
N PHE C 233 -22.03 5.02 15.65
CA PHE C 233 -21.68 5.12 17.06
C PHE C 233 -22.49 6.28 17.63
N SER C 234 -23.52 5.96 18.41
CA SER C 234 -24.50 6.93 18.85
C SER C 234 -24.17 7.43 20.25
N VAL C 235 -24.15 8.75 20.42
CA VAL C 235 -23.88 9.40 21.70
C VAL C 235 -25.09 10.25 22.07
N ARG C 236 -25.44 10.24 23.35
CA ARG C 236 -26.50 11.08 23.87
C ARG C 236 -26.09 11.63 25.22
N THR C 237 -26.78 12.68 25.65
CA THR C 237 -26.81 13.08 27.05
C THR C 237 -28.03 12.43 27.68
N VAL C 238 -27.81 11.59 28.69
CA VAL C 238 -28.88 10.78 29.24
C VAL C 238 -29.82 11.65 30.06
N GLY C 239 -30.93 12.07 29.45
CA GLY C 239 -31.90 12.88 30.15
C GLY C 239 -33.01 13.39 29.25
N SER C 240 -34.13 13.78 29.84
CA SER C 240 -35.24 14.30 29.06
C SER C 240 -34.97 15.72 28.57
N SER C 241 -34.38 16.55 29.42
CA SER C 241 -34.11 17.94 29.07
C SER C 241 -32.71 18.08 28.48
N LYS C 242 -32.48 19.23 27.84
CA LYS C 242 -31.20 19.49 27.19
C LYS C 242 -30.09 19.65 28.21
N SER C 243 -28.94 19.04 27.92
CA SER C 243 -27.78 19.15 28.78
C SER C 243 -27.28 20.59 28.83
N LYS C 244 -26.83 21.00 30.01
CA LYS C 244 -26.38 22.37 30.23
C LYS C 244 -24.93 22.60 29.84
N TYR C 245 -24.23 21.57 29.37
CA TYR C 245 -22.84 21.66 28.98
C TYR C 245 -22.69 21.36 27.51
N ALA C 246 -21.94 22.19 26.80
CA ALA C 246 -21.47 21.81 25.47
C ALA C 246 -20.44 20.69 25.60
N LEU C 247 -20.56 19.68 24.74
CA LEU C 247 -19.78 18.46 24.90
C LEU C 247 -19.08 18.09 23.60
N VAL C 248 -17.87 17.56 23.73
CA VAL C 248 -17.09 17.05 22.61
C VAL C 248 -16.65 15.63 22.96
N VAL C 249 -17.02 14.67 22.13
CA VAL C 249 -16.64 13.28 22.33
C VAL C 249 -15.58 12.95 21.29
N ARG C 250 -14.35 12.72 21.75
CA ARG C 250 -13.23 12.38 20.88
C ARG C 250 -13.00 10.88 20.94
N ILE C 251 -13.05 10.23 19.79
CA ILE C 251 -12.92 8.78 19.69
C ILE C 251 -11.46 8.45 19.36
N TYR C 252 -10.81 7.72 20.25
CA TYR C 252 -9.45 7.26 20.03
C TYR C 252 -9.47 5.74 19.94
N MET C 253 -8.84 5.21 18.90
CA MET C 253 -8.99 3.81 18.55
C MET C 253 -7.63 3.16 18.41
N ARG C 254 -7.43 2.05 19.10
CA ARG C 254 -6.19 1.29 19.08
C ARG C 254 -6.50 -0.13 18.63
N MET C 255 -5.83 -0.59 17.60
CA MET C 255 -6.11 -1.89 17.01
C MET C 255 -5.15 -2.93 17.57
N LYS C 256 -5.71 -4.03 18.04
CA LYS C 256 -4.94 -5.13 18.62
C LYS C 256 -5.15 -6.38 17.78
N HIS C 257 -4.23 -7.34 17.93
CA HIS C 257 -4.26 -8.60 17.19
C HIS C 257 -4.32 -8.35 15.69
N VAL C 258 -3.55 -7.38 15.24
CA VAL C 258 -3.65 -6.85 13.88
C VAL C 258 -3.10 -7.85 12.89
N ARG C 259 -3.85 -8.07 11.81
CA ARG C 259 -3.37 -8.78 10.63
C ARG C 259 -3.69 -7.92 9.42
N ALA C 260 -2.66 -7.64 8.62
CA ALA C 260 -2.79 -6.87 7.40
C ALA C 260 -2.11 -7.61 6.28
N TRP C 261 -2.62 -7.47 5.05
CA TRP C 261 -2.16 -8.33 3.97
C TRP C 261 -1.43 -7.59 2.85
N ILE C 262 -2.05 -6.65 2.16
CA ILE C 262 -1.53 -6.27 0.86
C ILE C 262 -1.01 -4.84 0.95
N PRO C 263 0.31 -4.63 0.96
CA PRO C 263 0.84 -3.27 1.05
C PRO C 263 0.71 -2.53 -0.26
N ARG C 264 0.19 -1.32 -0.20
CA ARG C 264 0.07 -0.41 -1.32
C ARG C 264 1.01 0.76 -1.12
N PRO C 265 1.22 1.58 -2.15
CA PRO C 265 1.87 2.88 -1.93
C PRO C 265 1.13 3.69 -0.89
N MET C 266 1.89 4.45 -0.12
CA MET C 266 1.32 5.28 0.94
C MET C 266 0.53 6.44 0.33
N ARG C 267 0.04 7.32 1.18
CA ARG C 267 -0.73 8.47 0.70
C ARG C 267 0.21 9.67 0.64
N ASN C 268 0.56 10.08 -0.58
CA ASN C 268 1.42 11.24 -0.78
C ASN C 268 0.64 12.49 -1.17
N GLN C 269 -0.69 12.41 -1.22
CA GLN C 269 -1.54 13.56 -1.48
C GLN C 269 -2.39 13.86 -0.26
N ASN C 270 -2.91 15.08 -0.20
CA ASN C 270 -3.73 15.47 0.94
C ASN C 270 -5.09 14.79 0.84
N TYR C 271 -5.51 14.16 1.95
CA TYR C 271 -6.83 13.56 2.02
C TYR C 271 -7.90 14.65 1.97
N LEU C 272 -8.98 14.36 1.26
CA LEU C 272 -10.08 15.31 1.14
C LEU C 272 -11.40 14.77 1.65
N PHE C 273 -11.74 13.52 1.33
CA PHE C 273 -13.03 12.94 1.69
C PHE C 273 -12.83 11.56 2.27
N LYS C 274 -13.67 11.21 3.26
CA LYS C 274 -13.56 9.93 3.94
C LYS C 274 -13.95 8.79 3.01
N ALA C 275 -13.22 7.68 3.12
CA ALA C 275 -13.44 6.48 2.31
C ALA C 275 -13.42 6.81 0.83
N ASN C 276 -12.48 7.68 0.44
CA ASN C 276 -12.37 8.18 -0.92
C ASN C 276 -10.93 8.56 -1.21
N PRO C 277 -10.32 7.98 -2.24
CA PRO C 277 -8.92 8.31 -2.55
C PRO C 277 -8.77 9.59 -3.38
N ASN C 278 -9.81 10.43 -3.37
CA ASN C 278 -9.80 11.65 -4.15
C ASN C 278 -8.68 12.59 -3.69
N TYR C 279 -8.08 13.27 -4.66
CA TYR C 279 -6.96 14.17 -4.43
C TYR C 279 -7.20 15.47 -5.17
N ALA C 280 -6.55 16.53 -4.70
CA ALA C 280 -6.63 17.83 -5.37
C ALA C 280 -5.80 17.78 -6.65
N GLY C 281 -6.49 17.68 -7.79
CA GLY C 281 -5.80 17.51 -9.05
C GLY C 281 -4.99 18.72 -9.49
N ASP C 282 -5.53 19.92 -9.24
CA ASP C 282 -4.83 21.13 -9.65
C ASP C 282 -3.72 21.52 -8.67
N SER C 283 -3.58 20.83 -7.55
CA SER C 283 -2.54 21.09 -6.58
C SER C 283 -1.85 19.79 -6.17
N ILE C 284 -1.47 18.99 -7.16
CA ILE C 284 -0.74 17.76 -6.89
C ILE C 284 0.69 18.11 -6.47
N LYS C 285 1.04 17.73 -5.28
CA LYS C 285 2.38 17.97 -4.79
C LYS C 285 3.24 16.72 -4.92
N PRO C 286 4.55 16.86 -5.04
CA PRO C 286 5.42 15.69 -5.09
C PRO C 286 5.44 14.96 -3.76
N THR C 287 5.99 13.74 -3.78
CA THR C 287 6.06 12.92 -2.58
C THR C 287 6.97 13.54 -1.53
N GLY C 288 7.95 14.33 -1.95
CA GLY C 288 8.86 14.94 -1.00
C GLY C 288 9.31 16.33 -1.39
N THR C 289 10.39 16.79 -0.76
CA THR C 289 10.92 18.12 -1.05
C THR C 289 11.63 18.11 -2.40
N SER C 290 11.89 19.32 -2.91
CA SER C 290 12.49 19.51 -4.21
C SER C 290 13.91 20.05 -4.08
N ARG C 291 14.58 20.14 -5.23
CA ARG C 291 15.94 20.65 -5.31
C ARG C 291 16.04 21.66 -6.44
N ASN C 292 16.93 22.64 -6.28
CA ASN C 292 17.18 23.60 -7.34
C ASN C 292 17.92 22.97 -8.51
N ALA C 293 18.72 21.93 -8.23
CA ALA C 293 19.45 21.20 -9.26
C ALA C 293 19.72 19.80 -8.74
N ILE C 294 20.05 18.91 -9.67
CA ILE C 294 20.29 17.52 -9.31
C ILE C 294 21.75 17.26 -8.96
N THR C 295 22.68 18.12 -9.37
CA THR C 295 24.07 17.96 -9.03
C THR C 295 24.42 18.54 -7.67
N THR C 296 23.48 19.23 -7.04
CA THR C 296 23.66 19.82 -5.71
C THR C 296 22.66 19.17 -4.74
N LEU C 297 22.83 19.49 -3.47
CA LEU C 297 21.95 18.93 -2.43
C LEU C 297 20.78 19.87 -2.15
C1 SPH D . -13.05 2.47 4.35
O1 SPH D . -12.40 3.51 3.67
C2 SPH D . -13.89 3.03 5.49
N2 SPH D . -15.18 2.37 5.52
C3 SPH D . -13.15 2.89 6.83
O3 SPH D . -13.30 4.06 7.60
C4 SPH D . -13.50 1.67 7.64
C5 SPH D . -14.66 1.66 8.54
C6 SPH D . -14.57 0.98 9.89
C7 SPH D . -13.35 0.06 9.93
C8 SPH D . -13.47 -0.98 11.04
C9 SPH D . -13.69 -0.39 12.42
C10 SPH D . -14.97 -0.94 13.05
C11 SPH D . -15.03 -0.63 14.54
C12 SPH D . -16.46 -0.53 15.05
C13 SPH D . -16.59 0.48 16.18
C14 SPH D . -17.45 -0.04 17.32
C15 SPH D . -17.44 0.93 18.49
C16 SPH D . -18.15 0.36 19.71
C17 SPH D . -18.50 1.48 20.70
C18 SPH D . -19.23 0.94 21.93
#